data_7CUG
#
_entry.id   7CUG
#
_cell.length_a   71.657
_cell.length_b   133.715
_cell.length_c   145.279
_cell.angle_alpha   90.000
_cell.angle_beta   90.000
_cell.angle_gamma   90.000
#
_symmetry.space_group_name_H-M   'I 2 2 2'
#
loop_
_entity.id
_entity.type
_entity.pdbx_description
1 polymer 'Uric acid degradation bifunctional protein'
2 non-polymer 8-AZAXANTHINE
3 non-polymer 'OXYGEN MOLECULE'
4 non-polymer 2-METHOXYETHANOL
5 non-polymer 'SULFATE ION'
6 non-polymer 'SODIUM ION'
7 water water
#
_entity_poly.entity_id   1
_entity_poly.type   'polypeptide(L)'
_entity_poly.pdbx_seq_one_letter_code
;RVMYYGKGDVFAYRTYLKPLTGVRTIPESPFSGRDHILFGVNVKISVGGTKLLTSFTKGDNSLVVATDSMKNFIQKHLAS
YTGTTIEGFLEYVATSFLKKYSHIEKISLIGEEIPFETTFAVKNGNRAASELVFKKSRNEYATAYLNMVRNEDNTLNITE
QQSGLAGLQLIKVSGNSFVGFIRDEYTTLPEDSNRPLFVYLNIKWKYKNTEDSFGTNPENYVAAEQIRDIATSVFHETET
LSIQHLIYLIGRRILERFPQLQEVYFESQNHTWDKIVEEIPESEGKVYTEPRPPYGFQCFTVTQEDLPHENIL
;
_entity_poly.pdbx_strand_id   A,B
#
loop_
_chem_comp.id
_chem_comp.type
_chem_comp.name
_chem_comp.formula
AZA non-polymer 8-AZAXANTHINE 'C4 H3 N5 O2'
MXE non-polymer 2-METHOXYETHANOL 'C3 H8 O2'
NA non-polymer 'SODIUM ION' 'Na 1'
OXY non-polymer 'OXYGEN MOLECULE' O2
SO4 non-polymer 'SULFATE ION' 'O4 S -2'
#
# COMPACT_ATOMS: atom_id res chain seq x y z
N VAL A 2 -15.76 2.84 8.23
CA VAL A 2 -14.95 3.79 7.44
C VAL A 2 -15.84 4.61 6.52
N MET A 3 -15.58 5.91 6.41
CA MET A 3 -16.29 6.75 5.46
C MET A 3 -15.39 7.96 5.14
N TYR A 4 -14.80 7.96 3.96
CA TYR A 4 -14.09 9.12 3.46
C TYR A 4 -13.89 9.00 1.94
N TYR A 5 -13.33 10.05 1.36
CA TYR A 5 -13.18 10.13 -0.08
C TYR A 5 -12.19 11.25 -0.37
N GLY A 6 -11.65 11.26 -1.57
CA GLY A 6 -10.59 12.18 -1.84
C GLY A 6 -10.05 12.05 -3.24
N LYS A 7 -8.81 12.52 -3.38
CA LYS A 7 -8.13 12.55 -4.68
C LYS A 7 -6.70 12.10 -4.49
N GLY A 8 -6.21 11.30 -5.43
CA GLY A 8 -4.86 10.79 -5.39
C GLY A 8 -4.16 11.16 -6.68
N ASP A 9 -2.82 11.06 -6.65
CA ASP A 9 -1.98 11.35 -7.80
C ASP A 9 -2.21 12.78 -8.29
N VAL A 10 -2.30 13.69 -7.33
CA VAL A 10 -2.42 15.12 -7.65
C VAL A 10 -1.00 15.64 -7.80
N PHE A 11 -0.48 15.59 -9.03
CA PHE A 11 0.86 16.08 -9.31
C PHE A 11 0.82 17.60 -9.39
N ALA A 12 1.84 18.25 -8.81
CA ALA A 12 1.91 19.70 -8.87
C ALA A 12 3.38 20.08 -8.85
N TYR A 13 3.80 20.88 -9.83
CA TYR A 13 5.19 21.31 -9.96
C TYR A 13 5.22 22.83 -9.86
N ARG A 14 5.89 23.34 -8.83
CA ARG A 14 6.07 24.76 -8.59
C ARG A 14 7.49 25.15 -8.94
N THR A 15 7.66 26.22 -9.68
CA THR A 15 8.98 26.78 -9.90
C THR A 15 9.24 27.93 -8.95
N TYR A 16 10.47 28.02 -8.45
CA TYR A 16 10.94 29.14 -7.65
C TYR A 16 10.10 29.31 -6.38
N LEU A 17 9.88 28.19 -5.69
CA LEU A 17 9.41 28.27 -4.32
C LEU A 17 10.44 29.03 -3.48
N LYS A 18 10.00 29.54 -2.33
CA LYS A 18 10.94 30.15 -1.41
C LYS A 18 12.04 29.16 -1.05
N PRO A 19 13.31 29.53 -1.14
CA PRO A 19 14.36 28.56 -0.80
C PRO A 19 14.34 28.19 0.67
N LEU A 20 14.68 26.93 0.95
CA LEU A 20 14.94 26.50 2.31
C LEU A 20 16.41 26.76 2.61
N THR A 21 16.67 27.59 3.62
CA THR A 21 18.03 27.97 3.99
C THR A 21 18.22 27.81 5.48
N GLY A 22 19.48 27.69 5.88
CA GLY A 22 19.83 27.74 7.30
C GLY A 22 19.49 26.50 8.09
N VAL A 23 19.24 25.37 7.45
CA VAL A 23 19.04 24.14 8.20
C VAL A 23 20.33 23.76 8.92
N ARG A 24 20.21 23.46 10.21
CA ARG A 24 21.38 23.02 10.96
C ARG A 24 21.95 21.74 10.36
N THR A 25 23.25 21.75 10.09
CA THR A 25 23.90 20.61 9.46
C THR A 25 24.28 19.57 10.51
N ILE A 26 24.50 18.34 10.03
CA ILE A 26 25.06 17.28 10.86
C ILE A 26 26.30 16.73 10.16
N PRO A 27 27.25 16.15 10.90
CA PRO A 27 28.50 15.71 10.26
C PRO A 27 28.32 14.63 9.19
N GLU A 28 27.30 13.78 9.30
CA GLU A 28 27.10 12.78 8.25
C GLU A 28 26.62 13.37 6.90
N SER A 29 26.07 14.60 6.88
CA SER A 29 25.48 15.10 5.65
C SER A 29 25.94 16.52 5.34
N PRO A 30 26.18 16.84 4.05
CA PRO A 30 26.44 18.24 3.68
C PRO A 30 25.20 19.10 3.62
N PHE A 31 24.02 18.52 3.80
CA PHE A 31 22.79 19.23 3.44
C PHE A 31 22.61 20.48 4.30
N SER A 32 22.29 21.61 3.64
CA SER A 32 22.03 22.86 4.32
C SER A 32 20.73 23.52 3.86
N GLY A 33 20.12 23.06 2.77
CA GLY A 33 18.89 23.66 2.31
C GLY A 33 18.59 23.26 0.88
N ARG A 34 17.53 23.84 0.35
CA ARG A 34 17.06 23.55 -1.01
C ARG A 34 16.86 24.84 -1.76
N ASP A 35 17.35 24.88 -3.02
CA ASP A 35 17.21 26.07 -3.85
C ASP A 35 15.76 26.29 -4.27
N HIS A 36 15.04 25.20 -4.51
CA HIS A 36 13.61 25.28 -4.84
C HIS A 36 13.35 25.98 -6.16
N ILE A 37 14.33 25.96 -7.06
CA ILE A 37 14.05 26.34 -8.44
C ILE A 37 12.92 25.48 -9.00
N LEU A 38 12.86 24.20 -8.60
CA LEU A 38 11.86 23.26 -9.05
C LEU A 38 11.44 22.51 -7.82
N PHE A 39 10.14 22.58 -7.53
CA PHE A 39 9.55 21.96 -6.35
C PHE A 39 8.37 21.11 -6.79
N GLY A 40 8.53 19.81 -6.78
CA GLY A 40 7.52 18.91 -7.31
C GLY A 40 6.97 18.03 -6.21
N VAL A 41 5.66 17.85 -6.21
CA VAL A 41 5.00 17.08 -5.16
C VAL A 41 3.83 16.29 -5.74
N ASN A 42 3.63 15.09 -5.21
CA ASN A 42 2.48 14.25 -5.55
C ASN A 42 1.63 14.13 -4.29
N VAL A 43 0.43 14.73 -4.30
CA VAL A 43 -0.41 14.80 -3.12
C VAL A 43 -1.60 13.87 -3.20
N LYS A 44 -1.93 13.28 -2.06
CA LYS A 44 -3.16 12.52 -1.86
C LYS A 44 -3.93 13.15 -0.69
N ILE A 45 -5.22 13.42 -0.90
CA ILE A 45 -6.06 14.09 0.08
C ILE A 45 -7.27 13.20 0.38
N SER A 46 -7.57 13.04 1.65
CA SER A 46 -8.73 12.31 2.13
C SER A 46 -9.49 13.16 3.14
N VAL A 47 -10.81 13.30 2.96
CA VAL A 47 -11.62 14.08 3.87
C VAL A 47 -12.76 13.23 4.39
N GLY A 48 -13.13 13.50 5.67
CA GLY A 48 -14.19 12.76 6.32
C GLY A 48 -15.11 13.71 7.07
N GLY A 49 -16.26 13.16 7.45
CA GLY A 49 -17.25 13.94 8.14
C GLY A 49 -18.58 13.25 8.19
N THR A 50 -19.25 13.30 9.35
CA THR A 50 -20.54 12.66 9.48
C THR A 50 -21.55 13.22 8.47
N LYS A 51 -21.41 14.50 8.11
CA LYS A 51 -22.33 15.10 7.15
C LYS A 51 -22.20 14.56 5.74
N LEU A 52 -21.23 13.70 5.46
CA LEU A 52 -21.07 13.03 4.15
C LEU A 52 -21.94 11.80 4.00
N LEU A 53 -22.61 11.36 5.07
CA LEU A 53 -23.33 10.08 5.04
C LEU A 53 -24.29 10.00 3.85
N THR A 54 -25.20 10.96 3.74
CA THR A 54 -26.24 10.85 2.72
C THR A 54 -25.68 10.93 1.32
N SER A 55 -24.45 11.43 1.16
CA SER A 55 -23.80 11.30 -0.14
C SER A 55 -23.66 9.85 -0.55
N PHE A 56 -23.51 8.95 0.41
CA PHE A 56 -23.48 7.52 0.11
C PHE A 56 -24.86 6.87 0.15
N THR A 57 -25.62 7.09 1.22
CA THR A 57 -26.87 6.38 1.44
C THR A 57 -28.01 6.84 0.55
N LYS A 58 -27.99 8.09 0.08
CA LYS A 58 -29.09 8.61 -0.71
C LYS A 58 -28.66 9.17 -2.07
N GLY A 59 -27.36 9.22 -2.38
CA GLY A 59 -26.92 9.81 -3.62
C GLY A 59 -27.09 11.31 -3.65
N ASP A 60 -27.10 11.95 -2.48
CA ASP A 60 -27.22 13.41 -2.36
C ASP A 60 -25.83 14.04 -2.46
N ASN A 61 -25.59 14.78 -3.51
CA ASN A 61 -24.32 15.42 -3.74
C ASN A 61 -24.24 16.86 -3.21
N SER A 62 -25.24 17.35 -2.50
CA SER A 62 -25.24 18.77 -2.15
C SER A 62 -24.05 19.17 -1.28
N LEU A 63 -23.53 18.23 -0.49
CA LEU A 63 -22.40 18.50 0.40
C LEU A 63 -21.16 17.76 -0.06
N VAL A 64 -21.08 17.50 -1.36
CA VAL A 64 -19.89 16.85 -1.94
C VAL A 64 -19.06 17.94 -2.60
N VAL A 65 -17.92 18.26 -1.98
CA VAL A 65 -16.83 18.87 -2.73
C VAL A 65 -16.31 17.86 -3.74
N ALA A 66 -16.34 18.24 -5.01
CA ALA A 66 -15.95 17.32 -6.06
C ALA A 66 -14.46 17.01 -5.93
N THR A 67 -14.09 15.74 -6.14
CA THR A 67 -12.67 15.41 -6.03
C THR A 67 -11.85 16.26 -7.00
N ASP A 68 -12.40 16.53 -8.18
CA ASP A 68 -11.75 17.44 -9.12
C ASP A 68 -11.51 18.81 -8.49
N SER A 69 -12.48 19.30 -7.69
CA SER A 69 -12.25 20.57 -7.01
C SER A 69 -11.13 20.45 -5.98
N MET A 70 -10.98 19.31 -5.31
CA MET A 70 -9.88 19.20 -4.36
C MET A 70 -8.52 19.27 -5.07
N LYS A 71 -8.44 18.75 -6.28
CA LYS A 71 -7.25 18.88 -7.10
C LYS A 71 -6.98 20.34 -7.42
N ASN A 72 -8.01 21.08 -7.78
CA ASN A 72 -7.85 22.52 -8.00
C ASN A 72 -7.41 23.22 -6.72
N PHE A 73 -8.03 22.87 -5.60
CA PHE A 73 -7.67 23.45 -4.32
C PHE A 73 -6.18 23.25 -4.03
N ILE A 74 -5.67 22.04 -4.24
CA ILE A 74 -4.28 21.78 -3.94
C ILE A 74 -3.35 22.56 -4.86
N GLN A 75 -3.63 22.54 -6.16
CA GLN A 75 -2.73 23.14 -7.13
C GLN A 75 -2.72 24.65 -7.00
N LYS A 76 -3.86 25.25 -6.67
CA LYS A 76 -3.90 26.69 -6.44
C LYS A 76 -3.13 27.06 -5.17
N HIS A 77 -3.23 26.21 -4.14
CA HIS A 77 -2.56 26.51 -2.88
C HIS A 77 -1.06 26.34 -2.99
N LEU A 78 -0.59 25.45 -3.88
CA LEU A 78 0.85 25.41 -4.15
C LEU A 78 1.32 26.73 -4.74
N ALA A 79 0.47 27.38 -5.51
CA ALA A 79 0.85 28.66 -6.11
C ALA A 79 0.91 29.76 -5.07
N SER A 80 0.18 29.64 -3.96
CA SER A 80 0.09 30.69 -2.96
C SER A 80 0.87 30.37 -1.70
N TYR A 81 1.45 29.18 -1.60
CA TYR A 81 2.25 28.81 -0.45
C TYR A 81 3.53 29.65 -0.38
N THR A 82 3.76 30.25 0.77
CA THR A 82 4.94 31.09 0.98
C THR A 82 6.01 30.41 1.83
N GLY A 83 5.88 29.11 2.07
CA GLY A 83 6.78 28.36 2.92
C GLY A 83 7.83 27.63 2.12
N THR A 84 8.50 26.67 2.80
CA THR A 84 9.71 26.08 2.24
C THR A 84 9.78 24.57 2.44
N THR A 85 8.71 23.89 2.81
CA THR A 85 8.77 22.44 2.98
C THR A 85 7.45 21.80 2.56
N ILE A 86 7.52 20.52 2.25
CA ILE A 86 6.28 19.79 1.98
C ILE A 86 5.44 19.70 3.24
N GLU A 87 6.07 19.49 4.39
CA GLU A 87 5.34 19.43 5.65
C GLU A 87 4.55 20.71 5.88
N GLY A 88 5.16 21.85 5.56
CA GLY A 88 4.47 23.11 5.76
C GLY A 88 3.40 23.31 4.72
N PHE A 89 3.64 22.83 3.49
CA PHE A 89 2.58 22.87 2.48
C PHE A 89 1.36 22.11 2.94
N LEU A 90 1.57 20.92 3.46
CA LEU A 90 0.44 20.10 3.92
C LEU A 90 -0.38 20.86 4.97
N GLU A 91 0.29 21.47 5.94
CA GLU A 91 -0.42 22.24 6.96
C GLU A 91 -1.20 23.39 6.32
N TYR A 92 -0.57 24.09 5.38
CA TYR A 92 -1.24 25.19 4.68
C TYR A 92 -2.53 24.71 4.05
N VAL A 93 -2.45 23.60 3.34
CA VAL A 93 -3.60 23.05 2.62
C VAL A 93 -4.68 22.60 3.61
N ALA A 94 -4.25 21.84 4.63
CA ALA A 94 -5.16 21.32 5.61
C ALA A 94 -5.91 22.45 6.28
N THR A 95 -5.19 23.47 6.80
CA THR A 95 -5.81 24.58 7.52
C THR A 95 -6.75 25.32 6.59
N SER A 96 -6.33 25.58 5.35
CA SER A 96 -7.18 26.33 4.42
C SER A 96 -8.44 25.52 4.08
N PHE A 97 -8.29 24.21 3.93
CA PHE A 97 -9.43 23.41 3.51
C PHE A 97 -10.48 23.31 4.61
N LEU A 98 -10.05 23.11 5.86
CA LEU A 98 -11.01 23.02 6.95
C LEU A 98 -11.69 24.37 7.15
N LYS A 99 -10.95 25.44 7.01
CA LYS A 99 -11.58 26.76 7.15
C LYS A 99 -12.59 27.00 6.04
N LYS A 100 -12.34 26.46 4.84
CA LYS A 100 -13.25 26.70 3.71
C LYS A 100 -14.54 25.89 3.85
N TYR A 101 -14.41 24.63 4.24
CA TYR A 101 -15.53 23.68 4.23
C TYR A 101 -15.88 23.25 5.65
N SER A 102 -16.89 23.88 6.23
CA SER A 102 -17.24 23.65 7.63
C SER A 102 -17.79 22.26 7.89
N HIS A 103 -18.27 21.58 6.85
CA HIS A 103 -18.89 20.28 7.06
C HIS A 103 -17.87 19.16 7.14
N ILE A 104 -16.60 19.47 6.89
CA ILE A 104 -15.53 18.49 6.98
C ILE A 104 -14.99 18.48 8.39
N GLU A 105 -14.88 17.28 9.00
CA GLU A 105 -14.36 17.14 10.35
C GLU A 105 -12.92 16.68 10.38
N LYS A 106 -12.45 16.07 9.29
CA LYS A 106 -11.15 15.42 9.28
C LYS A 106 -10.57 15.50 7.88
N ILE A 107 -9.31 15.92 7.78
CA ILE A 107 -8.55 15.87 6.55
C ILE A 107 -7.24 15.14 6.80
N SER A 108 -6.88 14.24 5.90
CA SER A 108 -5.60 13.56 5.93
C SER A 108 -4.90 13.79 4.61
N LEU A 109 -3.61 14.13 4.67
CA LEU A 109 -2.82 14.51 3.51
C LEU A 109 -1.57 13.68 3.47
N ILE A 110 -1.22 13.22 2.26
CA ILE A 110 0.08 12.60 2.01
C ILE A 110 0.74 13.39 0.91
N GLY A 111 1.99 13.79 1.13
CA GLY A 111 2.77 14.44 0.12
C GLY A 111 4.04 13.66 -0.17
N GLU A 112 4.33 13.42 -1.44
CA GLU A 112 5.56 12.73 -1.84
C GLU A 112 6.35 13.61 -2.79
N GLU A 113 7.61 13.90 -2.44
CA GLU A 113 8.45 14.69 -3.32
C GLU A 113 8.60 13.99 -4.66
N ILE A 114 8.61 14.78 -5.72
CA ILE A 114 9.05 14.35 -7.04
C ILE A 114 10.44 14.92 -7.24
N PRO A 115 11.49 14.15 -6.97
CA PRO A 115 12.83 14.74 -6.87
C PRO A 115 13.50 15.00 -8.21
N PHE A 116 14.37 15.98 -8.21
CA PHE A 116 15.16 16.37 -9.37
C PHE A 116 16.60 16.57 -8.93
N GLU A 117 17.52 16.43 -9.88
CA GLU A 117 18.94 16.49 -9.58
C GLU A 117 19.60 17.48 -10.54
N THR A 118 20.68 18.09 -10.07
CA THR A 118 21.41 19.06 -10.88
C THR A 118 22.14 18.34 -12.00
N THR A 119 22.42 19.08 -13.06
CA THR A 119 23.14 18.60 -14.24
C THR A 119 24.28 19.57 -14.54
N PHE A 120 25.22 19.10 -15.34
CA PHE A 120 26.37 19.92 -15.71
C PHE A 120 26.06 20.75 -16.96
N ALA A 121 26.57 21.98 -16.98
CA ALA A 121 26.54 22.84 -18.15
C ALA A 121 27.81 23.65 -18.13
N VAL A 122 28.41 23.85 -19.32
CA VAL A 122 29.61 24.68 -19.44
C VAL A 122 29.15 26.13 -19.57
N LYS A 123 29.46 26.94 -18.56
CA LYS A 123 28.98 28.30 -18.51
C LYS A 123 30.06 29.25 -19.02
N ASN A 124 30.97 29.66 -18.14
CA ASN A 124 32.01 30.61 -18.50
C ASN A 124 33.30 29.90 -18.85
N GLY A 125 33.21 28.87 -19.69
CA GLY A 125 34.36 28.05 -20.00
C GLY A 125 34.62 26.93 -19.02
N ASN A 126 33.72 26.71 -18.06
CA ASN A 126 33.91 25.71 -17.03
C ASN A 126 32.55 25.08 -16.72
N ARG A 127 32.57 23.79 -16.34
CA ARG A 127 31.34 23.11 -16.00
C ARG A 127 30.81 23.66 -14.68
N ALA A 128 29.50 23.84 -14.62
CA ALA A 128 28.86 24.20 -13.37
C ALA A 128 27.49 23.55 -13.32
N ALA A 129 26.92 23.51 -12.11
CA ALA A 129 25.53 23.12 -11.97
C ALA A 129 24.65 24.12 -12.71
N SER A 130 23.82 23.61 -13.61
CA SER A 130 22.89 24.47 -14.34
C SER A 130 21.80 24.96 -13.39
N GLU A 131 21.41 26.22 -13.55
CA GLU A 131 20.24 26.75 -12.88
C GLU A 131 18.96 26.52 -13.68
N LEU A 132 19.05 25.92 -14.85
CA LEU A 132 17.93 25.78 -15.77
C LEU A 132 17.57 24.33 -16.04
N VAL A 133 18.57 23.47 -16.19
CA VAL A 133 18.37 22.10 -16.63
C VAL A 133 18.49 21.17 -15.42
N PHE A 134 17.51 20.28 -15.27
CA PHE A 134 17.48 19.37 -14.13
C PHE A 134 17.09 17.99 -14.64
N LYS A 135 17.51 16.97 -13.90
CA LYS A 135 17.25 15.58 -14.25
C LYS A 135 16.15 15.04 -13.34
N LYS A 136 15.10 14.45 -13.92
CA LYS A 136 14.09 13.82 -13.08
C LYS A 136 14.68 12.52 -12.54
N SER A 137 14.63 12.37 -11.21
CA SER A 137 15.12 11.16 -10.55
C SER A 137 13.98 10.23 -10.16
N ARG A 138 14.21 8.94 -10.39
CA ARG A 138 13.30 7.89 -9.97
C ARG A 138 13.89 7.11 -8.80
N ASN A 139 14.80 7.71 -8.04
CA ASN A 139 15.38 7.11 -6.84
C ASN A 139 14.66 7.65 -5.60
N GLU A 140 15.37 7.82 -4.50
CA GLU A 140 14.70 8.10 -3.23
C GLU A 140 14.08 9.49 -3.23
N TYR A 141 13.09 9.67 -2.37
CA TYR A 141 12.34 10.91 -2.31
C TYR A 141 11.80 11.11 -0.90
N ALA A 142 11.60 12.37 -0.52
CA ALA A 142 11.06 12.71 0.81
C ALA A 142 9.55 12.58 0.79
N THR A 143 8.98 12.33 1.97
CA THR A 143 7.54 12.18 2.14
C THR A 143 7.08 12.93 3.39
N ALA A 144 5.78 13.18 3.45
CA ALA A 144 5.15 13.87 4.57
C ALA A 144 3.70 13.39 4.68
N TYR A 145 3.21 13.38 5.91
CA TYR A 145 1.87 12.93 6.25
C TYR A 145 1.30 13.79 7.37
N LEU A 146 0.03 14.14 7.24
CA LEU A 146 -0.58 15.09 8.15
C LEU A 146 -2.07 14.81 8.24
N ASN A 147 -2.58 14.71 9.47
N ASN A 147 -2.57 14.65 9.46
CA ASN A 147 -4.01 14.57 9.75
CA ASN A 147 -4.00 14.59 9.75
C ASN A 147 -4.42 15.74 10.63
C ASN A 147 -4.39 15.79 10.59
N MET A 148 -5.56 16.37 10.31
CA MET A 148 -6.06 17.55 11.02
C MET A 148 -7.54 17.32 11.23
N VAL A 149 -8.06 17.77 12.38
CA VAL A 149 -9.48 17.62 12.69
C VAL A 149 -10.05 18.96 13.14
N ARG A 150 -11.38 19.04 13.10
CA ARG A 150 -12.12 20.15 13.68
C ARG A 150 -12.80 19.65 14.96
N ASN A 151 -12.51 20.32 16.08
CA ASN A 151 -12.96 19.87 17.38
C ASN A 151 -14.40 20.33 17.65
N GLU A 152 -14.89 19.97 18.83
CA GLU A 152 -16.25 20.37 19.22
C GLU A 152 -16.40 21.88 19.24
N ASP A 153 -15.38 22.57 19.78
CA ASP A 153 -15.45 24.01 19.96
C ASP A 153 -14.95 24.79 18.75
N ASN A 154 -14.91 24.16 17.57
CA ASN A 154 -14.60 24.79 16.29
C ASN A 154 -13.10 25.06 16.12
N THR A 155 -12.25 24.56 17.00
CA THR A 155 -10.82 24.71 16.82
C THR A 155 -10.29 23.57 15.97
N LEU A 156 -9.17 23.83 15.29
CA LEU A 156 -8.50 22.81 14.49
C LEU A 156 -7.29 22.30 15.27
N ASN A 157 -7.00 21.02 15.12
CA ASN A 157 -5.86 20.40 15.77
C ASN A 157 -5.24 19.34 14.89
N ILE A 158 -3.91 19.35 14.78
CA ILE A 158 -3.17 18.30 14.10
C ILE A 158 -3.17 17.08 15.02
N THR A 159 -3.69 15.96 14.52
CA THR A 159 -3.78 14.77 15.31
C THR A 159 -2.60 13.84 15.05
N GLU A 160 -1.90 14.01 13.92
CA GLU A 160 -0.79 13.13 13.54
C GLU A 160 0.05 13.86 12.48
N GLN A 161 1.37 13.75 12.60
CA GLN A 161 2.29 14.27 11.62
C GLN A 161 3.48 13.32 11.52
N GLN A 162 3.93 13.06 10.29
CA GLN A 162 5.05 12.16 10.07
C GLN A 162 5.76 12.57 8.78
N SER A 163 7.07 12.67 8.85
CA SER A 163 7.93 12.89 7.70
C SER A 163 8.66 11.60 7.36
N GLY A 164 9.20 11.53 6.16
CA GLY A 164 9.87 10.30 5.80
C GLY A 164 10.77 10.43 4.58
N LEU A 165 11.43 9.31 4.31
CA LEU A 165 12.29 9.09 3.15
C LEU A 165 11.90 7.73 2.57
N ALA A 166 11.64 7.70 1.28
CA ALA A 166 11.21 6.47 0.63
C ALA A 166 12.08 6.13 -0.59
N GLY A 167 12.16 4.84 -0.89
CA GLY A 167 12.82 4.44 -2.11
C GLY A 167 14.32 4.41 -2.04
N LEU A 168 14.90 4.30 -0.85
CA LEU A 168 16.35 4.24 -0.72
C LEU A 168 16.79 2.79 -0.92
N GLN A 169 17.66 2.54 -1.89
CA GLN A 169 18.14 1.19 -2.21
C GLN A 169 19.65 1.20 -2.06
N LEU A 170 20.17 0.44 -1.08
CA LEU A 170 21.57 0.48 -0.71
C LEU A 170 22.17 -0.90 -0.71
N ILE A 171 23.35 -1.04 -1.30
CA ILE A 171 24.03 -2.32 -1.27
C ILE A 171 25.44 -2.12 -0.75
N LYS A 172 25.85 -2.95 0.19
CA LYS A 172 27.18 -2.90 0.80
C LYS A 172 27.88 -4.17 0.37
N VAL A 173 29.02 -4.04 -0.32
CA VAL A 173 29.56 -5.22 -1.00
C VAL A 173 30.21 -6.18 -0.01
N SER A 174 30.74 -5.66 1.09
CA SER A 174 31.49 -6.46 2.05
C SER A 174 31.09 -5.99 3.44
N GLY A 175 31.44 -6.79 4.45
CA GLY A 175 31.22 -6.38 5.83
C GLY A 175 29.84 -6.62 6.36
N ASN A 176 29.17 -7.67 5.89
CA ASN A 176 27.83 -8.04 6.35
C ASN A 176 27.84 -9.54 6.62
N SER A 177 27.30 -9.93 7.77
CA SER A 177 27.10 -11.33 8.05
C SER A 177 25.63 -11.60 8.38
N PHE A 178 25.26 -12.88 8.26
CA PHE A 178 23.98 -13.39 8.75
C PHE A 178 24.25 -14.82 9.19
N VAL A 179 24.42 -15.02 10.48
CA VAL A 179 24.81 -16.32 11.02
C VAL A 179 24.08 -16.52 12.35
N GLY A 180 24.00 -17.77 12.79
CA GLY A 180 23.47 -18.04 14.10
C GLY A 180 21.96 -18.09 14.17
N PHE A 181 21.29 -18.06 13.04
CA PHE A 181 19.84 -18.13 12.99
C PHE A 181 19.39 -19.60 13.11
N ILE A 182 18.08 -19.79 13.33
CA ILE A 182 17.55 -21.08 13.71
C ILE A 182 17.71 -22.05 12.54
N ARG A 183 18.22 -23.22 12.84
CA ARG A 183 18.39 -24.30 11.89
C ARG A 183 17.53 -25.45 12.35
N ASP A 184 16.52 -25.79 11.54
CA ASP A 184 15.58 -26.86 11.89
C ASP A 184 15.06 -27.41 10.58
N GLU A 185 13.99 -28.19 10.65
CA GLU A 185 13.53 -28.92 9.46
C GLU A 185 13.15 -27.96 8.30
N TYR A 186 12.89 -26.70 8.56
CA TYR A 186 12.54 -25.77 7.50
C TYR A 186 13.71 -24.92 7.03
N THR A 187 14.92 -25.12 7.59
CA THR A 187 16.02 -24.23 7.24
C THR A 187 16.88 -24.84 6.14
N THR A 188 17.06 -24.08 5.07
CA THR A 188 17.98 -24.39 3.99
C THR A 188 18.96 -23.26 3.71
N LEU A 189 18.74 -22.09 4.27
CA LEU A 189 19.61 -20.95 4.02
C LEU A 189 20.98 -21.18 4.64
N PRO A 190 22.04 -21.25 3.85
CA PRO A 190 23.37 -21.38 4.45
C PRO A 190 23.80 -20.10 5.17
N GLU A 191 24.44 -20.30 6.33
CA GLU A 191 25.04 -19.18 7.04
C GLU A 191 26.02 -18.47 6.11
N ASP A 192 26.13 -17.15 6.29
CA ASP A 192 26.99 -16.34 5.44
C ASP A 192 27.77 -15.36 6.32
N SER A 193 29.09 -15.46 6.29
CA SER A 193 29.93 -14.58 7.08
C SER A 193 30.28 -13.29 6.37
N ASN A 194 30.02 -13.19 5.07
CA ASN A 194 30.40 -11.99 4.30
C ASN A 194 29.52 -11.93 3.04
N ARG A 195 28.37 -11.23 3.17
CA ARG A 195 27.43 -11.16 2.07
C ARG A 195 27.27 -9.73 1.59
N PRO A 196 26.92 -9.53 0.31
CA PRO A 196 26.69 -8.18 -0.25
C PRO A 196 25.28 -7.65 0.04
N LEU A 197 25.04 -7.29 1.30
CA LEU A 197 23.69 -7.00 1.76
C LEU A 197 23.08 -5.88 0.94
N PHE A 198 21.93 -6.17 0.32
CA PHE A 198 21.21 -5.19 -0.50
C PHE A 198 19.87 -4.95 0.18
N VAL A 199 19.66 -3.72 0.68
CA VAL A 199 18.45 -3.40 1.41
C VAL A 199 17.69 -2.25 0.76
N TYR A 200 16.39 -2.39 0.73
CA TYR A 200 15.48 -1.27 0.48
C TYR A 200 15.10 -0.67 1.82
N LEU A 201 15.09 0.67 1.91
CA LEU A 201 14.80 1.39 3.14
C LEU A 201 13.72 2.42 2.93
N ASN A 202 12.72 2.41 3.83
CA ASN A 202 11.73 3.46 3.99
C ASN A 202 11.82 3.91 5.43
N ILE A 203 12.19 5.16 5.68
CA ILE A 203 12.41 5.65 7.03
C ILE A 203 11.48 6.81 7.26
N LYS A 204 10.76 6.78 8.38
CA LYS A 204 9.75 7.79 8.75
C LYS A 204 10.06 8.24 10.18
N TRP A 205 9.92 9.54 10.43
CA TRP A 205 10.24 10.09 11.73
C TRP A 205 9.12 11.03 12.17
N LYS A 206 8.96 11.15 13.48
CA LYS A 206 8.01 12.07 14.09
C LYS A 206 8.77 13.05 14.96
N TYR A 207 8.22 14.24 15.09
CA TYR A 207 8.82 15.31 15.89
C TYR A 207 8.19 15.34 17.27
N LYS A 208 8.98 15.75 18.24
CA LYS A 208 8.43 16.09 19.56
C LYS A 208 7.46 17.26 19.48
N ASN A 209 7.70 18.20 18.58
CA ASN A 209 6.89 19.39 18.42
C ASN A 209 6.53 19.49 16.94
N THR A 210 5.24 19.34 16.63
CA THR A 210 4.78 19.49 15.25
C THR A 210 5.36 20.76 14.61
N GLU A 211 5.48 21.84 15.40
CA GLU A 211 5.99 23.11 14.86
C GLU A 211 7.26 22.92 14.06
N ASP A 212 8.15 22.05 14.53
CA ASP A 212 9.46 21.88 13.90
C ASP A 212 9.38 21.30 12.50
N SER A 213 8.26 20.62 12.16
CA SER A 213 8.14 20.00 10.85
C SER A 213 8.07 21.04 9.74
N PHE A 214 7.61 22.25 10.04
CA PHE A 214 7.27 23.19 8.98
C PHE A 214 8.48 23.87 8.38
N GLY A 215 9.58 23.94 9.11
CA GLY A 215 10.75 24.62 8.62
C GLY A 215 10.72 26.13 8.78
N THR A 216 9.67 26.69 9.39
CA THR A 216 9.63 28.12 9.66
C THR A 216 10.89 28.55 10.39
N ASN A 217 11.34 27.76 11.36
CA ASN A 217 12.67 27.88 11.97
C ASN A 217 13.53 26.74 11.46
N PRO A 218 14.30 26.94 10.39
CA PRO A 218 15.00 25.79 9.77
C PRO A 218 16.01 25.13 10.69
N GLU A 219 16.40 25.78 11.78
CA GLU A 219 17.33 25.15 12.71
C GLU A 219 16.80 23.83 13.26
N ASN A 220 15.48 23.68 13.32
CA ASN A 220 14.85 22.51 13.92
C ASN A 220 14.29 21.54 12.90
N TYR A 221 14.52 21.79 11.62
CA TYR A 221 13.99 20.94 10.55
C TYR A 221 14.95 19.79 10.25
N VAL A 222 14.37 18.61 10.08
CA VAL A 222 15.09 17.37 9.79
C VAL A 222 14.79 17.03 8.35
N ALA A 223 15.80 17.15 7.48
CA ALA A 223 15.61 16.91 6.06
C ALA A 223 15.80 15.45 5.73
N ALA A 224 14.98 14.96 4.81
CA ALA A 224 15.14 13.60 4.29
C ALA A 224 16.55 13.37 3.79
N GLU A 225 17.16 14.39 3.16
CA GLU A 225 18.53 14.25 2.65
C GLU A 225 19.52 13.90 3.75
N GLN A 226 19.32 14.46 4.96
CA GLN A 226 20.20 14.18 6.08
C GLN A 226 19.98 12.78 6.63
N ILE A 227 18.71 12.33 6.61
CA ILE A 227 18.40 10.96 7.00
C ILE A 227 19.06 9.98 6.05
N ARG A 228 19.00 10.27 4.74
CA ARG A 228 19.65 9.43 3.74
C ARG A 228 21.13 9.26 4.07
N ASP A 229 21.79 10.36 4.45
CA ASP A 229 23.23 10.32 4.66
C ASP A 229 23.61 9.64 5.96
N ILE A 230 22.81 9.79 7.01
CA ILE A 230 23.06 8.97 8.21
C ILE A 230 22.94 7.49 7.86
N ALA A 231 21.87 7.10 7.16
CA ALA A 231 21.69 5.69 6.84
C ALA A 231 22.89 5.12 6.08
N THR A 232 23.39 5.86 5.09
CA THR A 232 24.52 5.34 4.33
C THR A 232 25.81 5.34 5.14
N SER A 233 26.04 6.36 5.97
CA SER A 233 27.23 6.34 6.83
C SER A 233 27.21 5.18 7.81
N VAL A 234 26.09 4.99 8.50
CA VAL A 234 25.98 3.94 9.51
C VAL A 234 26.16 2.56 8.86
N PHE A 235 25.58 2.37 7.66
CA PHE A 235 25.70 1.11 6.94
C PHE A 235 27.15 0.87 6.53
N HIS A 236 27.86 1.93 6.20
CA HIS A 236 29.29 1.80 5.92
C HIS A 236 30.08 1.45 7.18
N GLU A 237 29.74 2.13 8.29
CA GLU A 237 30.52 1.97 9.53
C GLU A 237 30.34 0.59 10.17
N THR A 238 29.24 -0.10 9.88
CA THR A 238 28.81 -1.23 10.67
C THR A 238 29.18 -2.55 9.97
N GLU A 239 29.75 -3.48 10.74
CA GLU A 239 29.78 -4.89 10.33
C GLU A 239 28.41 -5.46 10.66
N THR A 240 27.49 -5.43 9.68
CA THR A 240 26.12 -5.75 10.01
C THR A 240 26.01 -7.22 10.36
N LEU A 241 25.09 -7.52 11.28
CA LEU A 241 24.82 -8.89 11.72
C LEU A 241 23.50 -9.40 11.19
N SER A 242 22.69 -8.49 10.56
CA SER A 242 21.37 -8.72 10.01
C SER A 242 20.84 -7.34 9.64
N ILE A 243 19.80 -7.32 8.80
CA ILE A 243 19.14 -6.03 8.55
C ILE A 243 18.55 -5.45 9.84
N GLN A 244 17.98 -6.32 10.67
CA GLN A 244 17.45 -5.91 11.96
C GLN A 244 18.48 -5.12 12.75
N HIS A 245 19.66 -5.70 12.94
CA HIS A 245 20.74 -5.03 13.65
C HIS A 245 21.05 -3.68 13.00
N LEU A 246 21.10 -3.65 11.67
CA LEU A 246 21.48 -2.43 10.96
C LEU A 246 20.47 -1.32 11.19
N ILE A 247 19.16 -1.61 11.12
CA ILE A 247 18.21 -0.49 11.18
C ILE A 247 18.10 0.04 12.60
N TYR A 248 18.33 -0.81 13.59
CA TYR A 248 18.31 -0.33 14.96
C TYR A 248 19.43 0.68 15.18
N LEU A 249 20.60 0.41 14.59
CA LEU A 249 21.72 1.32 14.72
C LEU A 249 21.49 2.60 13.95
N ILE A 250 20.92 2.52 12.74
CA ILE A 250 20.57 3.74 12.01
C ILE A 250 19.63 4.61 12.84
N GLY A 251 18.61 3.97 13.42
CA GLY A 251 17.67 4.72 14.23
C GLY A 251 18.33 5.40 15.41
N ARG A 252 19.18 4.68 16.12
CA ARG A 252 19.86 5.29 17.26
C ARG A 252 20.67 6.52 16.85
N ARG A 253 21.37 6.44 15.71
CA ARG A 253 22.17 7.57 15.29
C ARG A 253 21.30 8.75 14.93
N ILE A 254 20.19 8.45 14.23
CA ILE A 254 19.29 9.51 13.82
C ILE A 254 18.82 10.29 15.04
N LEU A 255 18.40 9.57 16.08
CA LEU A 255 17.85 10.20 17.27
C LEU A 255 18.92 10.93 18.05
N GLU A 256 20.17 10.46 18.00
CA GLU A 256 21.25 11.19 18.63
C GLU A 256 21.48 12.53 17.94
N ARG A 257 21.46 12.53 16.60
CA ARG A 257 21.74 13.76 15.85
C ARG A 257 20.58 14.74 15.93
N PHE A 258 19.35 14.26 16.06
CA PHE A 258 18.16 15.09 16.00
C PHE A 258 17.38 14.88 17.29
N PRO A 259 17.80 15.53 18.38
CA PRO A 259 17.09 15.33 19.67
C PRO A 259 15.67 15.83 19.68
N GLN A 260 15.27 16.66 18.72
CA GLN A 260 13.87 17.08 18.65
C GLN A 260 12.96 15.99 18.12
N LEU A 261 13.51 14.90 17.59
CA LEU A 261 12.71 13.81 17.06
C LEU A 261 12.22 12.91 18.18
N GLN A 262 10.94 12.50 18.10
CA GLN A 262 10.38 11.60 19.12
C GLN A 262 10.59 10.14 18.79
N GLU A 263 10.64 9.79 17.50
CA GLU A 263 10.78 8.40 17.08
C GLU A 263 11.21 8.31 15.61
N VAL A 264 11.73 7.14 15.25
CA VAL A 264 12.06 6.84 13.85
C VAL A 264 11.56 5.44 13.54
N TYR A 265 10.87 5.28 12.41
CA TYR A 265 10.25 4.03 12.01
C TYR A 265 10.89 3.54 10.72
N PHE A 266 11.16 2.25 10.68
CA PHE A 266 11.83 1.61 9.57
C PHE A 266 10.91 0.56 8.94
N GLU A 267 10.90 0.56 7.62
CA GLU A 267 10.35 -0.52 6.80
C GLU A 267 11.43 -0.91 5.80
N SER A 268 12.04 -2.08 6.00
CA SER A 268 13.23 -2.49 5.26
C SER A 268 12.89 -3.78 4.55
N GLN A 269 13.46 -3.93 3.36
CA GLN A 269 13.38 -5.19 2.62
C GLN A 269 14.78 -5.71 2.27
N ASN A 270 14.90 -7.03 2.17
CA ASN A 270 16.16 -7.68 1.81
C ASN A 270 16.07 -8.11 0.35
N HIS A 271 17.02 -7.62 -0.48
CA HIS A 271 17.08 -7.97 -1.89
C HIS A 271 18.46 -8.45 -2.30
N THR A 272 19.20 -9.02 -1.35
CA THR A 272 20.55 -9.51 -1.60
C THR A 272 20.60 -10.53 -2.73
N TRP A 273 21.59 -10.38 -3.59
CA TRP A 273 21.74 -11.21 -4.76
C TRP A 273 22.21 -12.62 -4.38
N ASP A 274 22.01 -13.56 -5.32
CA ASP A 274 22.55 -14.92 -5.23
C ASP A 274 23.98 -14.90 -5.78
N LYS A 275 24.89 -15.62 -5.11
CA LYS A 275 26.26 -15.70 -5.56
C LYS A 275 26.39 -16.81 -6.60
N ILE A 276 27.07 -16.51 -7.70
CA ILE A 276 27.28 -17.46 -8.78
C ILE A 276 28.73 -17.93 -8.84
N VAL A 277 29.68 -17.01 -8.66
CA VAL A 277 31.11 -17.31 -8.69
C VAL A 277 31.71 -16.93 -7.34
N GLU A 278 32.26 -17.93 -6.63
CA GLU A 278 32.75 -17.70 -5.27
C GLU A 278 34.14 -17.07 -5.26
N GLU A 279 35.02 -17.48 -6.18
CA GLU A 279 36.39 -17.00 -6.19
C GLU A 279 36.86 -16.85 -7.65
N ILE A 280 37.48 -15.72 -7.95
CA ILE A 280 37.96 -15.40 -9.30
C ILE A 280 39.47 -15.33 -9.24
N PRO A 281 40.19 -16.06 -10.09
CA PRO A 281 41.67 -16.06 -10.00
C PRO A 281 42.24 -14.65 -10.12
N GLU A 282 43.20 -14.34 -9.24
CA GLU A 282 43.96 -13.09 -9.30
C GLU A 282 43.06 -11.87 -9.14
N SER A 283 42.13 -11.94 -8.18
CA SER A 283 41.21 -10.85 -7.92
C SER A 283 40.43 -11.14 -6.65
N GLU A 284 39.86 -10.07 -6.08
CA GLU A 284 38.98 -10.17 -4.92
C GLU A 284 37.51 -10.16 -5.30
N GLY A 285 37.20 -10.39 -6.58
CA GLY A 285 35.87 -10.20 -7.09
C GLY A 285 35.06 -11.48 -7.16
N LYS A 286 33.75 -11.31 -7.32
CA LYS A 286 32.78 -12.39 -7.26
C LYS A 286 31.70 -12.03 -8.28
N VAL A 287 30.88 -13.01 -8.63
CA VAL A 287 29.76 -12.73 -9.52
C VAL A 287 28.46 -13.19 -8.86
N TYR A 288 27.41 -12.37 -8.99
CA TYR A 288 26.10 -12.58 -8.41
C TYR A 288 25.05 -12.40 -9.49
N THR A 289 23.82 -12.76 -9.11
CA THR A 289 22.68 -12.56 -10.01
C THR A 289 21.42 -12.33 -9.18
N GLU A 290 20.34 -11.98 -9.87
CA GLU A 290 19.13 -11.62 -9.17
C GLU A 290 18.50 -12.86 -8.53
N PRO A 291 17.90 -12.70 -7.35
CA PRO A 291 17.25 -13.85 -6.69
C PRO A 291 15.83 -14.09 -7.19
N ARG A 292 15.21 -15.14 -6.67
CA ARG A 292 13.80 -15.41 -6.89
C ARG A 292 13.04 -14.28 -6.25
N PRO A 293 11.75 -14.13 -6.53
CA PRO A 293 11.01 -12.95 -6.10
C PRO A 293 10.91 -12.77 -4.60
N PRO A 294 10.77 -13.84 -3.80
CA PRO A 294 10.45 -13.64 -2.38
C PRO A 294 11.49 -12.79 -1.70
N TYR A 295 11.03 -11.81 -0.94
CA TYR A 295 11.93 -10.91 -0.22
C TYR A 295 11.61 -10.84 1.28
N GLY A 296 12.67 -10.85 2.12
CA GLY A 296 12.48 -10.63 3.55
C GLY A 296 12.11 -9.17 3.81
N PHE A 297 11.46 -8.91 4.94
CA PHE A 297 11.22 -7.52 5.34
C PHE A 297 11.22 -7.42 6.85
N GLN A 298 11.56 -6.22 7.31
CA GLN A 298 11.58 -5.87 8.72
C GLN A 298 10.87 -4.53 8.98
N CYS A 299 10.24 -4.41 10.13
CA CYS A 299 9.53 -3.18 10.53
C CYS A 299 9.82 -2.96 12.02
N PHE A 300 10.31 -1.76 12.36
CA PHE A 300 10.80 -1.51 13.70
C PHE A 300 10.82 -0.02 13.96
N THR A 301 10.48 0.37 15.20
CA THR A 301 10.41 1.76 15.63
C THR A 301 11.39 1.99 16.78
N VAL A 302 12.28 2.96 16.60
CA VAL A 302 13.18 3.43 17.64
C VAL A 302 12.61 4.71 18.22
N THR A 303 12.60 4.81 19.55
CA THR A 303 12.03 5.97 20.24
C THR A 303 13.12 6.73 21.00
N GLN A 304 12.94 8.04 21.11
CA GLN A 304 13.92 8.92 21.75
C GLN A 304 13.97 8.69 23.25
N VAL B 2 6.61 -0.48 17.10
CA VAL B 2 6.33 -1.55 16.17
C VAL B 2 7.57 -2.44 16.07
N MET B 3 7.36 -3.76 16.03
CA MET B 3 8.49 -4.67 15.84
C MET B 3 7.96 -5.97 15.23
N TYR B 4 8.24 -6.18 13.96
CA TYR B 4 7.96 -7.48 13.35
C TYR B 4 8.77 -7.65 12.07
N TYR B 5 8.78 -8.86 11.54
CA TYR B 5 9.49 -9.14 10.30
C TYR B 5 8.81 -10.33 9.63
N GLY B 6 9.23 -10.61 8.39
CA GLY B 6 8.54 -11.63 7.62
C GLY B 6 9.02 -11.70 6.19
N LYS B 7 8.19 -12.30 5.35
CA LYS B 7 8.53 -12.54 3.97
C LYS B 7 7.39 -12.14 3.04
N GLY B 8 7.72 -11.49 1.92
CA GLY B 8 6.79 -11.09 0.93
C GLY B 8 6.98 -11.76 -0.42
N ASP B 9 5.93 -11.75 -1.25
CA ASP B 9 5.95 -12.32 -2.59
C ASP B 9 6.37 -13.80 -2.55
N VAL B 10 5.79 -14.53 -1.61
CA VAL B 10 5.95 -15.98 -1.58
C VAL B 10 4.91 -16.59 -2.51
N PHE B 11 5.31 -16.76 -3.77
CA PHE B 11 4.45 -17.38 -4.77
C PHE B 11 4.46 -18.88 -4.60
N ALA B 12 3.28 -19.46 -4.68
CA ALA B 12 3.21 -20.92 -4.54
C ALA B 12 2.06 -21.39 -5.44
N TYR B 13 2.35 -22.32 -6.37
CA TYR B 13 1.37 -22.89 -7.28
C TYR B 13 1.21 -24.36 -6.97
N ARG B 14 -0.04 -24.79 -6.73
CA ARG B 14 -0.39 -26.14 -6.33
C ARG B 14 -1.31 -26.70 -7.39
N THR B 15 -1.08 -27.95 -7.76
CA THR B 15 -1.96 -28.63 -8.68
C THR B 15 -2.87 -29.58 -7.91
N TYR B 16 -4.08 -29.74 -8.42
CA TYR B 16 -5.06 -30.69 -7.89
C TYR B 16 -5.24 -30.54 -6.37
N LEU B 17 -5.61 -29.32 -5.97
CA LEU B 17 -6.14 -29.10 -4.64
C LEU B 17 -7.57 -29.68 -4.60
N LYS B 18 -8.03 -29.98 -3.40
CA LYS B 18 -9.39 -30.50 -3.26
C LYS B 18 -10.39 -29.51 -3.85
N PRO B 19 -11.31 -29.92 -4.72
CA PRO B 19 -12.25 -28.97 -5.33
C PRO B 19 -13.21 -28.37 -4.31
N LEU B 20 -13.57 -27.10 -4.55
CA LEU B 20 -14.60 -26.44 -3.77
C LEU B 20 -15.95 -26.68 -4.45
N THR B 21 -16.87 -27.32 -3.72
CA THR B 21 -18.21 -27.59 -4.21
C THR B 21 -19.16 -27.43 -3.03
N GLY B 22 -20.45 -27.62 -3.30
CA GLY B 22 -21.43 -27.49 -2.23
C GLY B 22 -21.71 -26.07 -1.83
N VAL B 23 -21.53 -25.10 -2.76
CA VAL B 23 -21.70 -23.70 -2.45
C VAL B 23 -23.19 -23.34 -2.58
N ARG B 24 -23.60 -22.32 -1.83
CA ARG B 24 -24.97 -21.84 -1.84
C ARG B 24 -25.09 -20.72 -2.86
N THR B 25 -25.99 -20.90 -3.82
CA THR B 25 -26.02 -19.98 -4.95
C THR B 25 -26.86 -18.72 -4.65
N ILE B 26 -26.68 -17.72 -5.50
CA ILE B 26 -27.42 -16.47 -5.41
C ILE B 26 -27.80 -16.05 -6.80
N PRO B 27 -28.86 -15.26 -6.91
CA PRO B 27 -29.37 -14.96 -8.26
C PRO B 27 -28.37 -14.25 -9.15
N GLU B 28 -27.51 -13.40 -8.59
CA GLU B 28 -26.59 -12.60 -9.38
C GLU B 28 -25.43 -13.41 -9.97
N SER B 29 -25.21 -14.64 -9.49
CA SER B 29 -24.02 -15.41 -9.89
C SER B 29 -24.31 -16.87 -10.18
N PRO B 30 -23.86 -17.38 -11.33
CA PRO B 30 -23.88 -18.83 -11.56
C PRO B 30 -22.74 -19.59 -10.89
N PHE B 31 -21.90 -18.92 -10.11
CA PHE B 31 -20.76 -19.58 -9.47
C PHE B 31 -21.22 -20.84 -8.75
N SER B 32 -20.56 -21.95 -9.04
CA SER B 32 -20.94 -23.22 -8.45
C SER B 32 -19.79 -23.95 -7.81
N GLY B 33 -18.58 -23.36 -7.77
CA GLY B 33 -17.45 -23.99 -7.12
C GLY B 33 -16.19 -23.70 -7.89
N ARG B 34 -15.09 -24.38 -7.52
CA ARG B 34 -13.79 -24.21 -8.17
C ARG B 34 -13.16 -25.58 -8.43
N ASP B 35 -12.62 -25.76 -9.65
CA ASP B 35 -12.06 -27.04 -10.03
C ASP B 35 -10.76 -27.32 -9.27
N HIS B 36 -9.92 -26.29 -9.14
CA HIS B 36 -8.67 -26.34 -8.41
C HIS B 36 -7.68 -27.26 -9.07
N ILE B 37 -7.82 -27.49 -10.37
CA ILE B 37 -6.73 -28.13 -11.10
C ILE B 37 -5.42 -27.34 -10.91
N LEU B 38 -5.51 -26.01 -10.93
CA LEU B 38 -4.39 -25.11 -10.70
C LEU B 38 -4.80 -24.10 -9.66
N PHE B 39 -4.03 -24.02 -8.57
CA PHE B 39 -4.31 -23.20 -7.40
C PHE B 39 -3.06 -22.36 -7.14
N GLY B 40 -3.14 -21.07 -7.40
CA GLY B 40 -2.00 -20.18 -7.27
C GLY B 40 -2.27 -19.14 -6.19
N VAL B 41 -1.23 -18.87 -5.39
CA VAL B 41 -1.35 -17.95 -4.25
C VAL B 41 -0.01 -17.20 -4.08
N ASN B 42 -0.11 -15.92 -3.78
CA ASN B 42 1.01 -15.09 -3.37
C ASN B 42 0.78 -14.75 -1.91
N VAL B 43 1.75 -15.10 -1.05
CA VAL B 43 1.58 -15.08 0.41
C VAL B 43 2.59 -14.09 1.01
N LYS B 44 2.11 -13.23 1.88
CA LYS B 44 2.94 -12.41 2.74
C LYS B 44 2.74 -12.85 4.19
N ILE B 45 3.84 -13.00 4.94
CA ILE B 45 3.79 -13.45 6.32
C ILE B 45 4.55 -12.46 7.17
N SER B 46 3.96 -12.07 8.31
CA SER B 46 4.56 -11.20 9.32
C SER B 46 4.46 -11.84 10.69
N VAL B 47 5.59 -11.84 11.44
CA VAL B 47 5.59 -12.46 12.75
C VAL B 47 6.19 -11.49 13.74
N GLY B 48 5.69 -11.56 14.95
CA GLY B 48 6.18 -10.71 16.02
C GLY B 48 6.22 -11.46 17.34
N GLY B 49 6.81 -10.78 18.32
CA GLY B 49 6.95 -11.33 19.65
C GLY B 49 8.01 -10.57 20.40
N THR B 50 7.74 -10.28 21.68
CA THR B 50 8.67 -9.50 22.49
C THR B 50 10.05 -10.14 22.58
N LYS B 51 10.16 -11.45 22.36
CA LYS B 51 11.46 -12.10 22.44
C LYS B 51 12.30 -11.92 21.19
N LEU B 52 11.81 -11.19 20.20
CA LEU B 52 12.59 -10.79 19.04
C LEU B 52 13.44 -9.54 19.27
N LEU B 53 13.34 -8.91 20.43
CA LEU B 53 13.92 -7.58 20.62
C LEU B 53 15.41 -7.62 20.35
N THR B 54 16.14 -8.52 21.02
CA THR B 54 17.60 -8.50 20.89
C THR B 54 18.07 -8.83 19.47
N SER B 55 17.19 -9.39 18.61
CA SER B 55 17.58 -9.54 17.21
C SER B 55 17.78 -8.18 16.56
N PHE B 56 17.03 -7.17 17.00
CA PHE B 56 17.25 -5.79 16.57
C PHE B 56 18.30 -5.08 17.43
N THR B 57 18.12 -5.10 18.76
CA THR B 57 18.96 -4.27 19.62
C THR B 57 20.37 -4.82 19.83
N LYS B 58 20.62 -6.07 19.53
CA LYS B 58 21.95 -6.62 19.76
C LYS B 58 22.50 -7.48 18.62
N GLY B 59 21.77 -7.64 17.53
CA GLY B 59 22.28 -8.49 16.48
C GLY B 59 22.32 -9.97 16.82
N ASP B 60 21.50 -10.39 17.78
CA ASP B 60 21.48 -11.78 18.23
C ASP B 60 20.39 -12.52 17.45
N ASN B 61 20.83 -13.45 16.61
CA ASN B 61 19.95 -14.20 15.72
C ASN B 61 19.50 -15.50 16.31
N SER B 62 19.72 -15.71 17.61
CA SER B 62 19.43 -17.02 18.23
C SER B 62 17.96 -17.40 18.06
N LEU B 63 17.05 -16.42 18.07
CA LEU B 63 15.63 -16.71 18.01
C LEU B 63 15.03 -16.27 16.70
N VAL B 64 15.84 -16.07 15.67
CA VAL B 64 15.37 -15.61 14.37
C VAL B 64 15.15 -16.83 13.48
N VAL B 65 13.88 -17.05 13.15
CA VAL B 65 13.51 -17.87 12.01
C VAL B 65 13.88 -17.10 10.77
N ALA B 66 14.81 -17.59 10.00
CA ALA B 66 15.16 -16.93 8.75
C ALA B 66 13.91 -16.72 7.89
N THR B 67 13.83 -15.57 7.25
CA THR B 67 12.69 -15.35 6.38
C THR B 67 12.68 -16.36 5.25
N ASP B 68 13.88 -16.82 4.82
CA ASP B 68 13.97 -17.87 3.81
C ASP B 68 13.26 -19.11 4.28
N SER B 69 13.35 -19.39 5.58
CA SER B 69 12.70 -20.57 6.15
C SER B 69 11.19 -20.37 6.23
N MET B 70 10.74 -19.12 6.35
CA MET B 70 9.31 -18.87 6.32
C MET B 70 8.75 -19.20 4.94
N LYS B 71 9.49 -18.84 3.89
CA LYS B 71 9.10 -19.22 2.53
C LYS B 71 9.02 -20.74 2.38
N ASN B 72 10.01 -21.45 2.94
CA ASN B 72 9.93 -22.90 2.86
C ASN B 72 8.72 -23.42 3.61
N PHE B 73 8.42 -22.84 4.76
CA PHE B 73 7.30 -23.29 5.57
C PHE B 73 5.98 -23.18 4.79
N ILE B 74 5.75 -22.00 4.19
CA ILE B 74 4.53 -21.75 3.45
C ILE B 74 4.41 -22.75 2.31
N GLN B 75 5.48 -22.87 1.50
CA GLN B 75 5.38 -23.70 0.30
C GLN B 75 5.15 -25.16 0.67
N LYS B 76 5.85 -25.64 1.72
CA LYS B 76 5.64 -27.01 2.14
C LYS B 76 4.20 -27.19 2.59
N HIS B 77 3.65 -26.22 3.31
CA HIS B 77 2.29 -26.39 3.83
C HIS B 77 1.24 -26.32 2.73
N LEU B 78 1.53 -25.69 1.60
CA LEU B 78 0.59 -25.75 0.48
C LEU B 78 0.55 -27.16 -0.11
N ALA B 79 1.66 -27.89 0.01
CA ALA B 79 1.65 -29.24 -0.52
C ALA B 79 0.81 -30.17 0.35
N SER B 80 0.83 -29.97 1.67
CA SER B 80 0.07 -30.82 2.59
C SER B 80 -1.33 -30.30 2.87
N TYR B 81 -1.69 -29.12 2.39
CA TYR B 81 -2.99 -28.56 2.74
C TYR B 81 -4.10 -29.37 2.11
N THR B 82 -5.09 -29.75 2.93
CA THR B 82 -6.18 -30.58 2.45
C THR B 82 -7.50 -29.84 2.31
N GLY B 83 -7.48 -28.51 2.45
CA GLY B 83 -8.67 -27.70 2.40
C GLY B 83 -8.96 -27.21 1.00
N THR B 84 -9.87 -26.21 0.92
CA THR B 84 -10.44 -25.80 -0.35
C THR B 84 -10.51 -24.29 -0.53
N THR B 85 -9.89 -23.50 0.36
CA THR B 85 -9.95 -22.05 0.20
C THR B 85 -8.64 -21.40 0.63
N ILE B 86 -8.43 -20.17 0.20
CA ILE B 86 -7.24 -19.44 0.67
C ILE B 86 -7.37 -19.12 2.14
N GLU B 87 -8.58 -18.72 2.57
CA GLU B 87 -8.82 -18.44 3.98
C GLU B 87 -8.44 -19.64 4.82
N GLY B 88 -8.83 -20.84 4.37
CA GLY B 88 -8.50 -22.04 5.11
C GLY B 88 -7.01 -22.30 5.05
N PHE B 89 -6.38 -22.03 3.90
CA PHE B 89 -4.94 -22.22 3.81
C PHE B 89 -4.23 -21.30 4.81
N LEU B 90 -4.64 -20.04 4.92
CA LEU B 90 -3.93 -19.17 5.85
C LEU B 90 -4.06 -19.72 7.27
N GLU B 91 -5.23 -20.24 7.62
CA GLU B 91 -5.41 -20.74 8.97
C GLU B 91 -4.48 -21.90 9.24
N TYR B 92 -4.37 -22.82 8.26
CA TYR B 92 -3.45 -23.96 8.33
C TYR B 92 -2.02 -23.49 8.60
N VAL B 93 -1.59 -22.46 7.85
CA VAL B 93 -0.22 -21.99 7.97
C VAL B 93 -0.04 -21.34 9.34
N ALA B 94 -0.99 -20.51 9.74
CA ALA B 94 -0.80 -19.76 10.97
C ALA B 94 -0.77 -20.67 12.17
N THR B 95 -1.74 -21.57 12.27
CA THR B 95 -1.75 -22.50 13.41
C THR B 95 -0.48 -23.36 13.43
N SER B 96 -0.08 -23.86 12.27
N SER B 96 -0.07 -23.85 12.28
CA SER B 96 1.14 -24.69 12.21
CA SER B 96 1.13 -24.69 12.22
C SER B 96 2.35 -23.89 12.65
C SER B 96 2.35 -23.89 12.67
N PHE B 97 2.45 -22.65 12.16
CA PHE B 97 3.64 -21.85 12.46
C PHE B 97 3.73 -21.51 13.95
N LEU B 98 2.64 -21.09 14.57
CA LEU B 98 2.68 -20.81 16.02
C LEU B 98 2.99 -22.09 16.83
N LYS B 99 2.47 -23.24 16.42
CA LYS B 99 2.77 -24.45 17.18
C LYS B 99 4.22 -24.83 17.00
N LYS B 100 4.82 -24.49 15.86
CA LYS B 100 6.23 -24.81 15.66
C LYS B 100 7.15 -23.90 16.50
N TYR B 101 6.85 -22.58 16.51
CA TYR B 101 7.77 -21.58 17.04
C TYR B 101 7.18 -20.92 18.28
N SER B 102 7.65 -21.38 19.44
CA SER B 102 7.00 -21.05 20.70
C SER B 102 7.21 -19.59 21.07
N HIS B 103 8.28 -18.99 20.56
CA HIS B 103 8.68 -17.64 20.93
C HIS B 103 7.98 -16.60 20.08
N ILE B 104 7.13 -17.01 19.13
CA ILE B 104 6.37 -16.08 18.32
C ILE B 104 5.01 -15.91 18.97
N GLU B 105 4.61 -14.66 19.24
CA GLU B 105 3.33 -14.37 19.87
C GLU B 105 2.24 -14.00 18.87
N LYS B 106 2.60 -13.60 17.66
CA LYS B 106 1.63 -13.09 16.72
C LYS B 106 2.07 -13.39 15.30
N ILE B 107 1.12 -13.79 14.45
CA ILE B 107 1.37 -13.94 13.03
C ILE B 107 0.25 -13.25 12.25
N SER B 108 0.62 -12.59 11.17
CA SER B 108 -0.30 -11.95 10.25
C SER B 108 -0.01 -12.49 8.86
N LEU B 109 -1.04 -12.91 8.14
CA LEU B 109 -0.89 -13.45 6.80
C LEU B 109 -1.82 -12.77 5.81
N ILE B 110 -1.29 -12.57 4.61
CA ILE B 110 -2.05 -12.15 3.45
C ILE B 110 -1.85 -13.15 2.33
N GLY B 111 -2.95 -13.61 1.75
CA GLY B 111 -2.92 -14.41 0.56
C GLY B 111 -3.69 -13.77 -0.56
N GLU B 112 -3.09 -13.71 -1.74
CA GLU B 112 -3.74 -13.16 -2.92
C GLU B 112 -3.76 -14.25 -3.96
N GLU B 113 -4.95 -14.53 -4.48
CA GLU B 113 -5.10 -15.49 -5.57
C GLU B 113 -4.30 -15.07 -6.81
N ILE B 114 -3.66 -16.03 -7.42
CA ILE B 114 -3.07 -15.83 -8.73
C ILE B 114 -4.03 -16.50 -9.71
N PRO B 115 -4.92 -15.78 -10.37
CA PRO B 115 -6.02 -16.42 -11.08
C PRO B 115 -5.66 -16.95 -12.48
N PHE B 116 -6.32 -18.05 -12.84
CA PHE B 116 -6.17 -18.66 -14.16
C PHE B 116 -7.55 -18.87 -14.76
N GLU B 117 -7.62 -18.87 -16.08
CA GLU B 117 -8.87 -19.01 -16.79
C GLU B 117 -8.85 -20.23 -17.71
N THR B 118 -10.02 -20.81 -17.87
CA THR B 118 -10.21 -21.96 -18.74
C THR B 118 -9.90 -21.63 -20.19
N THR B 119 -9.32 -22.58 -20.90
CA THR B 119 -9.13 -22.48 -22.34
C THR B 119 -9.76 -23.73 -22.96
N PHE B 120 -9.82 -23.74 -24.28
CA PHE B 120 -10.57 -24.77 -24.98
C PHE B 120 -9.71 -25.39 -26.07
N ALA B 121 -9.95 -26.66 -26.32
CA ALA B 121 -9.19 -27.45 -27.27
C ALA B 121 -10.12 -28.40 -27.99
N VAL B 122 -9.75 -28.76 -29.20
CA VAL B 122 -10.47 -29.73 -30.00
C VAL B 122 -9.82 -31.08 -29.79
N LYS B 123 -10.65 -32.07 -29.43
CA LYS B 123 -10.16 -33.41 -29.15
C LYS B 123 -11.35 -34.36 -29.13
N ASN B 124 -11.11 -35.61 -29.54
CA ASN B 124 -12.15 -36.62 -29.59
C ASN B 124 -13.33 -36.19 -30.45
N GLY B 125 -13.10 -35.26 -31.37
CA GLY B 125 -14.13 -34.83 -32.31
C GLY B 125 -14.98 -33.66 -31.86
N ASN B 126 -14.65 -33.03 -30.72
CA ASN B 126 -15.41 -31.87 -30.29
C ASN B 126 -14.55 -30.92 -29.46
N ARG B 127 -14.89 -29.64 -29.52
CA ARG B 127 -14.22 -28.62 -28.74
C ARG B 127 -14.76 -28.60 -27.30
N ALA B 128 -13.86 -28.63 -26.34
CA ALA B 128 -14.26 -28.69 -24.95
C ALA B 128 -13.18 -28.07 -24.08
N ALA B 129 -13.57 -27.74 -22.85
CA ALA B 129 -12.67 -27.10 -21.91
C ALA B 129 -11.47 -28.01 -21.62
N SER B 130 -10.27 -27.43 -21.69
CA SER B 130 -9.07 -28.21 -21.45
C SER B 130 -8.87 -28.42 -19.95
N GLU B 131 -8.41 -29.62 -19.60
CA GLU B 131 -8.04 -29.92 -18.22
C GLU B 131 -6.56 -29.71 -17.97
N LEU B 132 -5.80 -29.33 -19.01
CA LEU B 132 -4.37 -29.15 -18.94
C LEU B 132 -3.87 -27.72 -19.20
N VAL B 133 -4.51 -26.95 -20.07
CA VAL B 133 -4.00 -25.65 -20.49
C VAL B 133 -4.85 -24.56 -19.87
N PHE B 134 -4.19 -23.64 -19.19
CA PHE B 134 -4.83 -22.53 -18.51
C PHE B 134 -4.17 -21.21 -18.92
N LYS B 135 -4.97 -20.15 -18.94
CA LYS B 135 -4.56 -18.81 -19.30
C LYS B 135 -4.37 -17.99 -18.03
N LYS B 136 -3.19 -17.40 -17.89
N LYS B 136 -3.19 -17.39 -17.90
CA LYS B 136 -2.91 -16.60 -16.70
CA LYS B 136 -2.91 -16.60 -16.70
C LYS B 136 -3.63 -15.27 -16.82
C LYS B 136 -3.62 -15.27 -16.82
N SER B 137 -4.37 -14.90 -15.78
CA SER B 137 -5.14 -13.67 -15.81
C SER B 137 -4.47 -12.61 -14.93
N ARG B 138 -4.48 -11.37 -15.43
CA ARG B 138 -3.97 -10.21 -14.73
C ARG B 138 -5.11 -9.29 -14.35
N ASN B 139 -6.34 -9.84 -14.27
CA ASN B 139 -7.50 -9.03 -13.94
C ASN B 139 -7.82 -9.29 -12.46
N GLU B 140 -9.09 -9.32 -12.07
CA GLU B 140 -9.41 -9.35 -10.65
C GLU B 140 -9.03 -10.70 -10.01
N TYR B 141 -8.89 -10.69 -8.69
CA TYR B 141 -8.45 -11.86 -7.98
C TYR B 141 -8.97 -11.80 -6.54
N ALA B 142 -9.12 -12.96 -5.93
CA ALA B 142 -9.56 -13.05 -4.54
C ALA B 142 -8.42 -12.78 -3.58
N THR B 143 -8.75 -12.32 -2.37
CA THR B 143 -7.74 -12.08 -1.34
C THR B 143 -8.25 -12.55 0.03
N ALA B 144 -7.32 -12.68 0.99
CA ALA B 144 -7.64 -13.18 2.31
C ALA B 144 -6.59 -12.68 3.27
N TYR B 145 -7.03 -12.45 4.51
CA TYR B 145 -6.19 -11.81 5.53
C TYR B 145 -6.52 -12.51 6.83
N LEU B 146 -5.51 -12.75 7.64
CA LEU B 146 -5.73 -13.44 8.90
C LEU B 146 -4.67 -13.00 9.89
N ASN B 147 -5.06 -12.87 11.14
N ASN B 147 -5.07 -12.77 11.14
CA ASN B 147 -4.14 -12.57 12.24
CA ASN B 147 -4.16 -12.56 12.25
C ASN B 147 -4.42 -13.53 13.35
C ASN B 147 -4.43 -13.63 13.28
N MET B 148 -3.38 -14.22 13.82
CA MET B 148 -3.50 -15.14 14.93
C MET B 148 -2.47 -14.80 15.99
N VAL B 149 -2.83 -15.05 17.23
CA VAL B 149 -1.99 -14.75 18.39
C VAL B 149 -1.96 -15.93 19.36
N ARG B 150 -0.83 -16.08 20.05
CA ARG B 150 -0.69 -17.05 21.13
C ARG B 150 -0.90 -16.36 22.46
N ASN B 151 -1.68 -16.95 23.31
CA ASN B 151 -2.01 -16.40 24.61
C ASN B 151 -1.00 -16.90 25.65
N GLU B 152 -1.15 -16.42 26.89
CA GLU B 152 -0.23 -16.81 27.95
C GLU B 152 -0.31 -18.28 28.25
N ASP B 153 -1.49 -18.90 28.05
CA ASP B 153 -1.67 -20.33 28.33
C ASP B 153 -1.38 -21.19 27.12
N ASN B 154 -0.74 -20.62 26.09
CA ASN B 154 -0.32 -21.30 24.88
C ASN B 154 -1.49 -21.72 24.00
N THR B 155 -2.68 -21.17 24.24
CA THR B 155 -3.76 -21.33 23.27
C THR B 155 -3.63 -20.29 22.16
N LEU B 156 -4.25 -20.58 21.03
CA LEU B 156 -4.16 -19.71 19.86
C LEU B 156 -5.55 -19.20 19.54
N ASN B 157 -5.64 -17.91 19.15
CA ASN B 157 -6.89 -17.24 18.81
C ASN B 157 -6.71 -16.48 17.51
N ILE B 158 -7.67 -16.59 16.62
CA ILE B 158 -7.77 -15.68 15.49
C ILE B 158 -8.30 -14.34 16.01
N THR B 159 -7.56 -13.27 15.73
CA THR B 159 -7.89 -11.93 16.23
C THR B 159 -8.49 -11.05 15.17
N GLU B 160 -8.34 -11.40 13.90
CA GLU B 160 -8.96 -10.65 12.81
C GLU B 160 -8.93 -11.53 11.57
N GLN B 161 -10.01 -11.51 10.79
CA GLN B 161 -10.06 -12.20 9.51
C GLN B 161 -10.79 -11.31 8.50
N GLN B 162 -10.28 -11.25 7.27
CA GLN B 162 -10.98 -10.55 6.21
C GLN B 162 -10.71 -11.17 4.86
N SER B 163 -11.76 -11.20 4.05
CA SER B 163 -11.69 -11.73 2.70
C SER B 163 -11.94 -10.57 1.76
N GLY B 164 -11.60 -10.74 0.48
CA GLY B 164 -11.78 -9.67 -0.47
C GLY B 164 -11.68 -10.09 -1.93
N LEU B 165 -11.96 -9.10 -2.79
CA LEU B 165 -11.84 -9.15 -4.24
C LEU B 165 -11.10 -7.90 -4.65
N ALA B 166 -10.03 -8.05 -5.41
CA ALA B 166 -9.20 -6.92 -5.79
C ALA B 166 -9.03 -6.87 -7.32
N GLY B 167 -8.80 -5.68 -7.81
CA GLY B 167 -8.47 -5.52 -9.22
C GLY B 167 -9.64 -5.54 -10.16
N LEU B 168 -10.85 -5.30 -9.64
CA LEU B 168 -12.05 -5.28 -10.49
C LEU B 168 -12.13 -3.91 -11.16
N GLN B 169 -12.20 -3.90 -12.49
CA GLN B 169 -12.21 -2.67 -13.27
C GLN B 169 -13.45 -2.67 -14.16
N LEU B 170 -14.41 -1.79 -13.89
CA LEU B 170 -15.68 -1.88 -14.59
C LEU B 170 -16.05 -0.54 -15.18
N ILE B 171 -16.45 -0.52 -16.43
CA ILE B 171 -16.91 0.71 -17.07
C ILE B 171 -18.37 0.51 -17.50
N LYS B 172 -19.20 1.50 -17.19
CA LYS B 172 -20.58 1.53 -17.63
C LYS B 172 -20.75 2.71 -18.58
N VAL B 173 -21.15 2.42 -19.83
CA VAL B 173 -21.04 3.40 -20.90
C VAL B 173 -22.09 4.48 -20.76
N SER B 174 -23.22 4.20 -20.12
CA SER B 174 -24.29 5.17 -19.95
C SER B 174 -25.05 4.85 -18.69
N GLY B 175 -26.02 5.69 -18.35
CA GLY B 175 -26.78 5.48 -17.12
C GLY B 175 -26.04 5.85 -15.87
N ASN B 176 -25.22 6.91 -15.92
CA ASN B 176 -24.58 7.45 -14.74
C ASN B 176 -24.67 8.97 -14.80
N SER B 177 -24.95 9.57 -13.66
CA SER B 177 -24.92 11.02 -13.54
C SER B 177 -24.02 11.44 -12.38
N PHE B 178 -23.50 12.68 -12.49
CA PHE B 178 -22.85 13.34 -11.36
C PHE B 178 -23.19 14.81 -11.47
N VAL B 179 -24.17 15.22 -10.67
CA VAL B 179 -24.74 16.56 -10.71
C VAL B 179 -24.98 17.00 -9.27
N GLY B 180 -25.17 18.29 -9.08
CA GLY B 180 -25.55 18.78 -7.79
C GLY B 180 -24.44 19.01 -6.79
N PHE B 181 -23.18 18.71 -7.16
CA PHE B 181 -22.08 18.92 -6.24
C PHE B 181 -21.83 20.41 -6.06
N ILE B 182 -20.88 20.69 -5.15
CA ILE B 182 -20.61 22.05 -4.73
C ILE B 182 -19.97 22.80 -5.89
N ARG B 183 -20.49 24.00 -6.18
CA ARG B 183 -19.98 24.86 -7.24
C ARG B 183 -19.52 26.18 -6.58
N ASP B 184 -18.21 26.30 -6.39
CA ASP B 184 -17.63 27.49 -5.80
C ASP B 184 -16.34 27.85 -6.53
N GLU B 185 -15.52 28.70 -5.91
N GLU B 185 -15.48 28.67 -5.91
CA GLU B 185 -14.32 29.21 -6.55
CA GLU B 185 -14.32 29.20 -6.60
C GLU B 185 -13.31 28.13 -6.92
C GLU B 185 -13.29 28.12 -6.89
N TYR B 186 -13.54 26.89 -6.48
CA TYR B 186 -12.64 25.78 -6.74
C TYR B 186 -13.24 24.79 -7.72
N THR B 187 -14.46 25.00 -8.16
CA THR B 187 -15.16 24.09 -9.03
C THR B 187 -15.00 24.52 -10.48
N THR B 188 -14.48 23.61 -11.31
CA THR B 188 -14.43 23.81 -12.75
C THR B 188 -15.03 22.59 -13.46
N LEU B 189 -15.46 21.60 -12.70
CA LEU B 189 -16.02 20.38 -13.29
C LEU B 189 -17.46 20.63 -13.73
N PRO B 190 -17.81 20.43 -15.00
CA PRO B 190 -19.20 20.60 -15.42
C PRO B 190 -20.08 19.49 -14.88
N GLU B 191 -21.35 19.83 -14.67
CA GLU B 191 -22.34 18.80 -14.35
C GLU B 191 -22.51 17.90 -15.56
N ASP B 192 -22.66 16.59 -15.32
CA ASP B 192 -22.76 15.61 -16.38
C ASP B 192 -24.00 14.74 -16.17
N SER B 193 -24.93 14.81 -17.13
CA SER B 193 -26.15 14.03 -17.08
C SER B 193 -25.96 12.59 -17.48
N ASN B 194 -24.90 12.27 -18.23
CA ASN B 194 -24.72 10.94 -18.78
C ASN B 194 -23.23 10.78 -19.04
N ARG B 195 -22.53 10.10 -18.12
CA ARG B 195 -21.09 9.86 -18.25
C ARG B 195 -20.81 8.36 -18.29
N PRO B 196 -19.68 7.97 -18.89
CA PRO B 196 -19.26 6.55 -18.88
C PRO B 196 -18.43 6.21 -17.66
N LEU B 197 -19.12 6.03 -16.54
CA LEU B 197 -18.41 5.85 -15.28
C LEU B 197 -17.48 4.65 -15.37
N PHE B 198 -16.20 4.86 -15.07
CA PHE B 198 -15.20 3.79 -15.01
C PHE B 198 -14.61 3.74 -13.61
N VAL B 199 -14.83 2.64 -12.91
CA VAL B 199 -14.43 2.50 -11.51
C VAL B 199 -13.54 1.26 -11.33
N TYR B 200 -12.56 1.44 -10.48
CA TYR B 200 -11.76 0.35 -9.92
C TYR B 200 -12.36 -0.01 -8.56
N LEU B 201 -12.63 -1.30 -8.33
CA LEU B 201 -13.25 -1.71 -7.09
C LEU B 201 -12.36 -2.70 -6.34
N ASN B 202 -12.12 -2.41 -5.07
CA ASN B 202 -11.53 -3.35 -4.13
C ASN B 202 -12.59 -3.54 -3.05
N ILE B 203 -13.06 -4.77 -2.89
CA ILE B 203 -14.15 -5.07 -1.95
C ILE B 203 -13.68 -6.11 -0.96
N LYS B 204 -13.88 -5.84 0.33
CA LYS B 204 -13.45 -6.73 1.41
C LYS B 204 -14.67 -6.98 2.29
N TRP B 205 -14.72 -8.17 2.87
CA TRP B 205 -15.86 -8.55 3.69
C TRP B 205 -15.36 -9.34 4.89
N LYS B 206 -16.08 -9.17 6.01
CA LYS B 206 -15.81 -9.89 7.24
C LYS B 206 -17.03 -10.71 7.62
N TYR B 207 -16.78 -11.88 8.19
CA TYR B 207 -17.81 -12.79 8.56
C TYR B 207 -18.22 -12.54 10.00
N LYS B 208 -19.45 -12.92 10.31
CA LYS B 208 -19.91 -12.91 11.69
C LYS B 208 -19.23 -14.00 12.49
N ASN B 209 -18.94 -15.14 11.86
CA ASN B 209 -18.30 -16.28 12.49
C ASN B 209 -17.11 -16.68 11.62
N THR B 210 -15.91 -16.63 12.21
CA THR B 210 -14.70 -16.87 11.43
C THR B 210 -14.70 -18.23 10.74
N GLU B 211 -15.35 -19.24 11.32
CA GLU B 211 -15.31 -20.58 10.75
C GLU B 211 -15.98 -20.64 9.39
N ASP B 212 -16.93 -19.76 9.12
CA ASP B 212 -17.60 -19.81 7.82
C ASP B 212 -16.67 -19.43 6.66
N SER B 213 -15.51 -18.84 6.97
CA SER B 213 -14.57 -18.43 5.93
C SER B 213 -13.69 -19.57 5.41
N PHE B 214 -13.63 -20.69 6.13
CA PHE B 214 -12.68 -21.73 5.75
C PHE B 214 -13.17 -22.62 4.63
N GLY B 215 -14.49 -22.77 4.50
CA GLY B 215 -15.07 -23.62 3.47
C GLY B 215 -15.28 -25.05 3.89
N THR B 216 -15.03 -25.39 5.16
CA THR B 216 -15.24 -26.75 5.62
C THR B 216 -16.71 -27.14 5.48
N ASN B 217 -17.62 -26.21 5.81
CA ASN B 217 -19.05 -26.29 5.45
C ASN B 217 -19.27 -25.29 4.32
N PRO B 218 -19.09 -25.69 3.07
CA PRO B 218 -19.00 -24.69 1.99
C PRO B 218 -20.25 -23.85 1.78
N GLU B 219 -21.40 -24.36 2.21
CA GLU B 219 -22.64 -23.61 2.04
C GLU B 219 -22.58 -22.25 2.70
N ASN B 220 -21.70 -22.07 3.70
CA ASN B 220 -21.57 -20.81 4.42
C ASN B 220 -20.48 -19.91 3.85
N TYR B 221 -19.71 -20.40 2.88
CA TYR B 221 -18.65 -19.64 2.26
C TYR B 221 -19.20 -18.53 1.34
N VAL B 222 -18.51 -17.39 1.35
CA VAL B 222 -18.81 -16.29 0.45
C VAL B 222 -17.69 -16.20 -0.57
N ALA B 223 -18.00 -16.51 -1.80
CA ALA B 223 -16.96 -16.56 -2.83
C ALA B 223 -16.73 -15.18 -3.43
N ALA B 224 -15.46 -14.86 -3.71
CA ALA B 224 -15.15 -13.61 -4.37
C ALA B 224 -15.86 -13.53 -5.72
N GLU B 225 -16.02 -14.66 -6.38
CA GLU B 225 -16.69 -14.68 -7.68
C GLU B 225 -18.12 -14.18 -7.57
N GLN B 226 -18.78 -14.51 -6.49
CA GLN B 226 -20.16 -14.05 -6.30
C GLN B 226 -20.19 -12.57 -6.03
N ILE B 227 -19.23 -12.09 -5.24
CA ILE B 227 -19.15 -10.66 -4.97
C ILE B 227 -18.92 -9.92 -6.28
N ARG B 228 -17.98 -10.41 -7.12
CA ARG B 228 -17.78 -9.82 -8.44
C ARG B 228 -19.12 -9.63 -9.18
N ASP B 229 -19.94 -10.70 -9.19
CA ASP B 229 -21.15 -10.75 -10.00
C ASP B 229 -22.22 -9.87 -9.41
N ILE B 230 -22.30 -9.76 -8.08
CA ILE B 230 -23.20 -8.77 -7.49
C ILE B 230 -22.79 -7.35 -7.93
N ALA B 231 -21.51 -7.05 -7.90
CA ALA B 231 -21.05 -5.70 -8.23
C ALA B 231 -21.40 -5.37 -9.67
N THR B 232 -21.15 -6.29 -10.60
CA THR B 232 -21.48 -5.99 -11.99
C THR B 232 -22.98 -5.87 -12.19
N SER B 233 -23.74 -6.69 -11.51
CA SER B 233 -25.20 -6.64 -11.68
C SER B 233 -25.75 -5.32 -11.14
N VAL B 234 -25.37 -4.95 -9.92
CA VAL B 234 -25.90 -3.73 -9.32
C VAL B 234 -25.50 -2.49 -10.13
N PHE B 235 -24.25 -2.43 -10.57
N PHE B 235 -24.25 -2.43 -10.58
CA PHE B 235 -23.80 -1.32 -11.42
CA PHE B 235 -23.80 -1.31 -11.40
C PHE B 235 -24.68 -1.22 -12.67
C PHE B 235 -24.64 -1.22 -12.68
N HIS B 236 -25.02 -2.37 -13.24
CA HIS B 236 -25.93 -2.37 -14.39
C HIS B 236 -27.31 -1.85 -13.99
N GLU B 237 -27.85 -2.37 -12.90
CA GLU B 237 -29.23 -2.08 -12.54
C GLU B 237 -29.43 -0.63 -12.14
N THR B 238 -28.38 0.04 -11.70
CA THR B 238 -28.51 1.30 -10.98
C THR B 238 -28.29 2.52 -11.90
N GLU B 239 -29.21 3.47 -11.84
CA GLU B 239 -28.94 4.79 -12.43
C GLU B 239 -28.08 5.54 -11.44
N THR B 240 -26.77 5.40 -11.57
CA THR B 240 -25.88 5.87 -10.52
C THR B 240 -25.86 7.39 -10.45
N LEU B 241 -25.79 7.89 -9.23
CA LEU B 241 -25.71 9.33 -9.00
C LEU B 241 -24.33 9.80 -8.57
N SER B 242 -23.41 8.86 -8.31
CA SER B 242 -22.05 9.07 -7.84
C SER B 242 -21.48 7.68 -7.65
N ILE B 243 -20.16 7.60 -7.47
CA ILE B 243 -19.57 6.32 -7.07
C ILE B 243 -19.96 6.00 -5.62
N GLN B 244 -20.04 7.02 -4.77
CA GLN B 244 -20.50 6.83 -3.40
C GLN B 244 -21.84 6.18 -3.39
N HIS B 245 -22.77 6.68 -4.23
CA HIS B 245 -24.12 6.11 -4.35
C HIS B 245 -24.07 4.65 -4.75
N LEU B 246 -23.18 4.31 -5.68
CA LEU B 246 -23.13 2.95 -6.21
C LEU B 246 -22.60 1.95 -5.18
N ILE B 247 -21.51 2.27 -4.50
CA ILE B 247 -20.92 1.25 -3.63
C ILE B 247 -21.77 1.04 -2.41
N TYR B 248 -22.55 2.04 -1.98
CA TYR B 248 -23.50 1.77 -0.91
C TYR B 248 -24.54 0.74 -1.35
N LEU B 249 -25.07 0.90 -2.56
CA LEU B 249 -26.06 -0.05 -3.08
C LEU B 249 -25.44 -1.43 -3.30
N ILE B 250 -24.18 -1.50 -3.72
CA ILE B 250 -23.51 -2.79 -3.82
C ILE B 250 -23.37 -3.45 -2.46
N GLY B 251 -22.89 -2.68 -1.47
CA GLY B 251 -22.79 -3.22 -0.13
C GLY B 251 -24.10 -3.73 0.41
N ARG B 252 -25.16 -2.97 0.18
CA ARG B 252 -26.47 -3.40 0.65
C ARG B 252 -26.85 -4.75 0.05
N ARG B 253 -26.70 -4.89 -1.27
CA ARG B 253 -27.04 -6.15 -1.93
C ARG B 253 -26.19 -7.30 -1.41
N ILE B 254 -24.89 -7.04 -1.18
CA ILE B 254 -24.01 -8.09 -0.66
C ILE B 254 -24.48 -8.58 0.70
N LEU B 255 -24.80 -7.65 1.61
CA LEU B 255 -25.20 -8.07 2.96
C LEU B 255 -26.60 -8.70 2.94
N GLU B 256 -27.45 -8.32 1.96
CA GLU B 256 -28.74 -8.99 1.83
C GLU B 256 -28.60 -10.43 1.35
N ARG B 257 -27.69 -10.65 0.41
CA ARG B 257 -27.44 -11.97 -0.14
C ARG B 257 -26.72 -12.89 0.83
N PHE B 258 -25.89 -12.34 1.72
CA PHE B 258 -25.03 -13.10 2.62
C PHE B 258 -25.28 -12.64 4.05
N PRO B 259 -26.40 -13.05 4.63
CA PRO B 259 -26.68 -12.61 6.02
C PRO B 259 -25.65 -13.11 7.02
N GLN B 260 -24.77 -14.02 6.63
CA GLN B 260 -23.67 -14.45 7.51
C GLN B 260 -22.52 -13.47 7.53
N LEU B 261 -22.55 -12.43 6.68
CA LEU B 261 -21.49 -11.42 6.69
C LEU B 261 -21.85 -10.34 7.73
N GLN B 262 -20.83 -9.80 8.38
CA GLN B 262 -21.02 -8.73 9.35
C GLN B 262 -20.85 -7.38 8.69
N GLU B 263 -19.90 -7.27 7.77
CA GLU B 263 -19.74 -6.00 7.07
C GLU B 263 -19.04 -6.22 5.72
N VAL B 264 -19.13 -5.18 4.88
CA VAL B 264 -18.43 -5.12 3.61
C VAL B 264 -17.77 -3.75 3.50
N TYR B 265 -16.52 -3.71 3.06
CA TYR B 265 -15.74 -2.48 2.97
C TYR B 265 -15.31 -2.27 1.52
N PHE B 266 -15.40 -1.04 1.05
CA PHE B 266 -15.12 -0.69 -0.33
C PHE B 266 -14.00 0.33 -0.41
N GLU B 267 -13.06 0.12 -1.33
CA GLU B 267 -12.13 1.13 -1.80
C GLU B 267 -12.31 1.25 -3.31
N SER B 268 -12.85 2.38 -3.77
CA SER B 268 -13.16 2.61 -5.18
C SER B 268 -12.27 3.73 -5.69
N GLN B 269 -12.05 3.72 -7.00
CA GLN B 269 -11.33 4.79 -7.67
C GLN B 269 -12.08 5.15 -8.93
N ASN B 270 -12.12 6.44 -9.26
CA ASN B 270 -12.73 6.94 -10.49
C ASN B 270 -11.65 7.13 -11.56
N HIS B 271 -11.78 6.39 -12.69
CA HIS B 271 -10.86 6.47 -13.81
C HIS B 271 -11.62 6.79 -15.10
N THR B 272 -12.71 7.51 -14.97
CA THR B 272 -13.56 7.82 -16.12
C THR B 272 -12.82 8.62 -17.18
N TRP B 273 -13.06 8.26 -18.43
CA TRP B 273 -12.39 8.87 -19.55
C TRP B 273 -12.92 10.27 -19.82
N ASP B 274 -12.10 11.05 -20.53
CA ASP B 274 -12.51 12.39 -20.97
C ASP B 274 -13.17 12.32 -22.35
N LYS B 275 -14.23 13.08 -22.52
CA LYS B 275 -14.95 13.14 -23.78
C LYS B 275 -14.18 13.98 -24.79
N ILE B 276 -14.14 13.50 -26.03
CA ILE B 276 -13.52 14.22 -27.14
C ILE B 276 -14.54 14.56 -28.21
N VAL B 277 -15.32 13.56 -28.65
CA VAL B 277 -16.31 13.72 -29.70
C VAL B 277 -17.67 13.39 -29.12
N GLU B 278 -18.56 14.40 -29.08
CA GLU B 278 -19.88 14.25 -28.48
C GLU B 278 -20.93 13.82 -29.50
N GLU B 279 -20.83 14.33 -30.73
CA GLU B 279 -21.82 14.08 -31.78
C GLU B 279 -21.17 13.34 -32.92
N ILE B 280 -21.75 12.20 -33.31
CA ILE B 280 -21.32 11.45 -34.49
C ILE B 280 -22.51 11.29 -35.43
N PRO B 281 -22.47 11.90 -36.61
CA PRO B 281 -23.63 11.87 -37.52
C PRO B 281 -24.18 10.47 -37.79
N GLU B 282 -25.50 10.32 -37.58
CA GLU B 282 -26.20 9.06 -37.88
C GLU B 282 -25.64 7.90 -37.07
N SER B 283 -25.58 8.10 -35.76
CA SER B 283 -24.96 7.15 -34.86
C SER B 283 -25.08 7.65 -33.42
N GLU B 284 -25.19 6.72 -32.47
CA GLU B 284 -25.27 7.05 -31.05
C GLU B 284 -23.94 6.90 -30.33
N GLY B 285 -22.84 6.78 -31.09
CA GLY B 285 -21.52 6.62 -30.51
C GLY B 285 -20.86 7.97 -30.16
N LYS B 286 -19.77 7.88 -29.40
CA LYS B 286 -18.94 9.00 -29.04
C LYS B 286 -17.50 8.51 -29.00
N VAL B 287 -16.56 9.44 -28.84
CA VAL B 287 -15.16 9.07 -28.62
C VAL B 287 -14.63 9.70 -27.34
N TYR B 288 -13.96 8.90 -26.53
CA TYR B 288 -13.36 9.33 -25.28
C TYR B 288 -11.86 9.02 -25.28
N THR B 289 -11.13 9.59 -24.32
CA THR B 289 -9.71 9.30 -24.20
C THR B 289 -9.28 9.30 -22.75
N GLU B 290 -8.03 8.86 -22.49
CA GLU B 290 -7.57 8.72 -21.11
C GLU B 290 -7.47 10.08 -20.43
N PRO B 291 -7.75 10.17 -19.13
CA PRO B 291 -7.66 11.44 -18.41
C PRO B 291 -6.24 11.67 -17.91
N ARG B 292 -6.01 12.86 -17.35
CA ARG B 292 -4.82 13.19 -16.59
C ARG B 292 -4.74 12.24 -15.40
N PRO B 293 -3.62 12.18 -14.72
CA PRO B 293 -3.40 11.12 -13.70
C PRO B 293 -4.29 11.24 -12.46
N PRO B 294 -4.65 12.45 -12.01
CA PRO B 294 -5.42 12.54 -10.75
C PRO B 294 -6.69 11.68 -10.82
N TYR B 295 -6.93 10.90 -9.77
CA TYR B 295 -8.12 10.06 -9.68
C TYR B 295 -8.86 10.28 -8.34
N GLY B 296 -10.17 10.42 -8.40
CA GLY B 296 -10.91 10.42 -7.16
C GLY B 296 -11.03 9.01 -6.60
N PHE B 297 -11.24 8.94 -5.28
CA PHE B 297 -11.40 7.66 -4.63
C PHE B 297 -12.35 7.79 -3.45
N GLN B 298 -12.85 6.62 -3.04
CA GLN B 298 -13.81 6.54 -1.95
C GLN B 298 -13.52 5.30 -1.11
N CYS B 299 -13.71 5.46 0.20
CA CYS B 299 -13.57 4.38 1.16
C CYS B 299 -14.81 4.36 2.06
N PHE B 300 -15.49 3.22 2.12
CA PHE B 300 -16.81 3.19 2.74
C PHE B 300 -17.13 1.79 3.24
N THR B 301 -17.60 1.70 4.46
CA THR B 301 -18.04 0.45 5.06
C THR B 301 -19.58 0.41 5.15
N VAL B 302 -20.18 -0.71 4.78
CA VAL B 302 -21.60 -0.98 5.06
C VAL B 302 -21.67 -2.09 6.09
N THR B 303 -22.46 -1.91 7.13
CA THR B 303 -22.59 -2.88 8.21
C THR B 303 -23.95 -3.55 8.18
N GLN B 304 -23.98 -4.82 8.62
CA GLN B 304 -25.18 -5.63 8.59
C GLN B 304 -26.26 -5.06 9.51
N1 AZA C . 17.47 -10.85 8.45
C2 AZA C . 18.50 -10.65 7.57
O2 AZA C . 19.23 -9.71 7.68
N3 AZA C . 18.77 -11.55 6.56
C4 AZA C . 17.96 -12.63 6.45
C5 AZA C . 16.92 -12.83 7.34
C6 AZA C . 16.68 -11.90 8.32
O6 AZA C . 15.78 -12.04 9.10
N7 AZA C . 16.28 -13.98 6.98
N8 AZA C . 16.90 -14.46 5.86
N9 AZA C . 17.94 -13.63 5.57
HN1 AZA C . 17.35 -10.29 9.10
HN3 AZA C . 19.43 -11.43 6.01
HN9 AZA C . 18.49 -13.74 4.91
O1 OXY D . 15.55 -11.45 4.93
O2 OXY D . 15.41 -10.65 5.88
O1 MXE E . 15.47 15.65 -2.97
C1 MXE E . 16.11 14.58 -3.63
C2 MXE E . 15.85 13.29 -2.86
O2 MXE E . 16.74 13.20 -1.78
C3 MXE E . 16.21 12.50 -0.69
HO1 MXE E . 15.65 15.63 -2.15
H11 MXE E . 17.06 14.76 -3.67
H12 MXE E . 15.76 14.51 -4.54
H21 MXE E . 15.98 12.53 -3.45
H22 MXE E . 14.94 13.30 -2.53
H31 MXE E . 15.79 11.68 -1.00
H32 MXE E . 15.54 13.05 -0.25
H33 MXE E . 16.91 12.28 -0.06
O1 MXE F . -8.05 8.54 8.20
C1 MXE F . -8.64 8.64 6.91
C2 MXE F . -9.95 9.41 7.02
O2 MXE F . -9.70 10.75 7.18
C3 MXE F . -9.85 11.52 6.02
HO1 MXE F . -8.28 7.81 8.55
H11 MXE F . -8.04 9.10 6.31
H12 MXE F . -8.82 7.74 6.58
H21 MXE F . -10.45 9.08 7.79
H22 MXE F . -10.47 9.27 6.21
H31 MXE F . -9.23 11.21 5.35
H32 MXE F . -10.76 11.43 5.70
H33 MXE F . -9.66 12.45 6.22
O1 MXE G . 15.62 23.12 -7.32
C1 MXE G . 15.93 22.53 -8.56
C2 MXE G . 15.94 20.99 -8.45
O2 MXE G . 16.75 20.58 -7.37
C3 MXE G . 18.11 20.59 -7.63
HO1 MXE G . 16.11 23.81 -7.22
H11 MXE G . 16.80 22.83 -8.86
H12 MXE G . 15.26 22.78 -9.22
H21 MXE G . 16.29 20.62 -9.28
H22 MXE G . 15.04 20.68 -8.30
H31 MXE G . 18.59 20.27 -6.85
H32 MXE G . 18.40 21.50 -7.83
H33 MXE G . 18.30 20.01 -8.39
O1 MXE H . -5.39 5.28 -3.05
C1 MXE H . -6.74 5.32 -2.69
C2 MXE H . -6.95 4.51 -1.42
O2 MXE H . -6.96 5.35 -0.29
C3 MXE H . -6.69 4.69 0.91
HO1 MXE H . -5.28 5.70 -3.79
H11 MXE H . -7.29 4.95 -3.40
H12 MXE H . -7.00 6.24 -2.53
H21 MXE H . -6.23 3.86 -1.33
H22 MXE H . -7.79 4.04 -1.48
H31 MXE H . -6.73 5.33 1.65
H32 MXE H . -5.80 4.30 0.88
H33 MXE H . -7.34 3.99 1.05
O1 MXE I . 6.01 -5.52 2.45
C1 MXE I . 5.15 -4.75 3.24
C2 MXE I . 5.23 -5.17 4.71
O2 MXE I . 4.60 -4.20 5.51
C3 MXE I . 3.86 -4.75 6.58
HO1 MXE I . 6.79 -5.54 2.83
H11 MXE I . 5.39 -3.81 3.16
H12 MXE I . 4.23 -4.87 2.92
H21 MXE I . 6.17 -5.25 4.98
H22 MXE I . 4.79 -6.03 4.83
H31 MXE I . 4.46 -5.23 7.18
H32 MXE I . 3.19 -5.34 6.24
H33 MXE I . 3.44 -4.02 7.08
N1 AZA J . -17.89 11.05 -6.80
C2 AZA J . -18.17 10.69 -8.08
O2 AZA J . -18.87 9.70 -8.31
N3 AZA J . -17.67 11.41 -9.13
C4 AZA J . -16.93 12.50 -8.88
C5 AZA J . -16.65 12.86 -7.59
C6 AZA J . -17.16 12.13 -6.55
O6 AZA J . -16.91 12.46 -5.43
N7 AZA J . -15.90 14.01 -7.62
N8 AZA J . -15.64 14.30 -8.93
N9 AZA J . -16.32 13.36 -9.70
HN1 AZA J . -18.18 10.58 -6.15
HN3 AZA J . -17.84 11.16 -9.94
HN9 AZA J . -16.35 13.35 -10.55
O1 OXY K . -13.90 11.37 -8.33
O2 OXY K . -14.57 10.40 -8.02
S SO4 L . -8.23 20.64 -20.77
O1 SO4 L . -7.55 21.80 -20.17
O2 SO4 L . -7.32 19.98 -21.69
O3 SO4 L . -9.40 21.12 -21.51
O4 SO4 L . -8.67 19.75 -19.70
NA NA M . -20.76 -27.28 -10.03
#